data_4ODX
#
_entry.id   4ODX
#
_cell.length_a   72.912
_cell.length_b   78.004
_cell.length_c   78.396
_cell.angle_alpha   90.00
_cell.angle_beta   112.29
_cell.angle_gamma   90.00
#
_symmetry.space_group_name_H-M   'P 1 21 1'
#
loop_
_entity.id
_entity.type
_entity.pdbx_description
1 polymer '4E10 epitope scaffold T117'
2 polymer 'GEP7 Fv heavy chain'
3 polymer 'GEP7 Fv light chain'
#
loop_
_entity_poly.entity_id
_entity_poly.type
_entity_poly.pdbx_seq_one_letter_code
_entity_poly.pdbx_strand_id
1 'polypeptide(L)'
;HHHHHHNAMQGIHFRRHYVRHLPKEVSQNDIIKALASPLINDGMVVSDFADHVITREQNFPTGLPVEPVGVAIPHTDSKY
VRQNAISVGILAEPVNFEDAGGEPDPVPVRVVFMLALGNWFDITNVLWWIMDVIQDEDFMQQLLVMNDDEIYQSIYTRIS
E
;
X,Y
2 'polypeptide(L)'
;GSQVQLVQSGAEVKKPGSSVKVSCKASGGTFSSYAISWVRQAPGQGLEWMGGIIPIFGTANYAQKFQGRVTITADKSTST
AYMELSSLRSEDTAVYYCAREGTTGWGWLGKPIGAFQHWGQGTLVTVSS
;
A,H
3 'polypeptide(L)'
;EIVLTQSPGTLSLSPGERATLSCRASQSVSSSYLAWYQQKPGQAPRLLIYGASSRATGIPDRFSGSGSGTDFTLTISRLE
PEDFAVYYCQQYGSSPSTFGQGTKVEIKRLVPR
;
B,L
#
# COMPACT_ATOMS: atom_id res chain seq x y z
N MET A 9 -12.31 -13.96 3.42
CA MET A 9 -11.27 -14.47 2.47
C MET A 9 -10.25 -15.36 3.20
N GLN A 10 -10.71 -16.58 3.52
CA GLN A 10 -9.91 -17.53 4.29
C GLN A 10 -9.50 -18.68 3.41
N GLY A 11 -8.19 -18.89 3.24
CA GLY A 11 -7.69 -19.99 2.44
C GLY A 11 -7.76 -19.73 0.94
N ILE A 12 -7.78 -18.44 0.57
CA ILE A 12 -7.81 -18.07 -0.84
C ILE A 12 -6.37 -18.11 -1.36
N HIS A 13 -6.13 -18.91 -2.40
CA HIS A 13 -4.78 -19.08 -2.93
C HIS A 13 -4.44 -17.87 -3.80
N PHE A 14 -3.28 -17.27 -3.55
CA PHE A 14 -2.84 -16.10 -4.28
C PHE A 14 -1.32 -16.01 -4.32
N ARG A 15 -0.78 -15.92 -5.54
CA ARG A 15 0.66 -15.90 -5.76
C ARG A 15 1.06 -14.68 -6.58
N ARG A 16 2.37 -14.47 -6.72
CA ARG A 16 2.90 -13.39 -7.54
C ARG A 16 2.61 -13.62 -9.02
N HIS A 17 2.51 -14.89 -9.42
CA HIS A 17 2.23 -15.24 -10.81
C HIS A 17 0.73 -15.21 -11.15
N TYR A 18 -0.09 -14.67 -10.25
CA TYR A 18 -1.50 -14.39 -10.50
C TYR A 18 -1.78 -12.90 -10.73
N VAL A 19 -0.72 -12.11 -10.93
CA VAL A 19 -0.84 -10.67 -11.17
C VAL A 19 -0.23 -10.36 -12.53
N ARG A 20 -0.99 -9.64 -13.37
CA ARG A 20 -0.56 -9.33 -14.73
C ARG A 20 -0.98 -7.94 -15.18
N HIS A 21 -0.16 -7.32 -16.01
CA HIS A 21 -0.54 -6.15 -16.77
C HIS A 21 -0.80 -6.63 -18.19
N LEU A 22 -2.03 -6.46 -18.67
CA LEU A 22 -2.38 -6.91 -20.01
C LEU A 22 -2.07 -5.77 -20.95
N PRO A 23 -1.67 -6.08 -22.20
CA PRO A 23 -1.30 -5.02 -23.13
C PRO A 23 -2.50 -4.19 -23.57
N LYS A 24 -2.22 -3.11 -24.30
CA LYS A 24 -3.26 -2.15 -24.70
C LYS A 24 -4.17 -2.66 -25.83
N GLU A 25 -3.80 -3.77 -26.47
CA GLU A 25 -4.54 -4.29 -27.63
C GLU A 25 -5.66 -5.27 -27.27
N VAL A 26 -5.81 -5.58 -25.98
CA VAL A 26 -6.68 -6.69 -25.56
C VAL A 26 -8.17 -6.35 -25.51
N SER A 27 -8.99 -7.36 -25.79
CA SER A 27 -10.44 -7.30 -25.59
C SER A 27 -10.79 -8.06 -24.32
N GLN A 28 -12.07 -8.01 -23.91
CA GLN A 28 -12.49 -8.65 -22.66
C GLN A 28 -12.28 -10.17 -22.68
N ASN A 29 -12.55 -10.81 -23.82
CA ASN A 29 -12.27 -12.24 -24.00
C ASN A 29 -10.78 -12.57 -23.90
N ASP A 30 -9.94 -11.64 -24.35
CA ASP A 30 -8.48 -11.78 -24.20
C ASP A 30 -8.08 -11.61 -22.74
N ILE A 31 -8.73 -10.69 -22.03
CA ILE A 31 -8.47 -10.47 -20.61
C ILE A 31 -8.81 -11.72 -19.79
N ILE A 32 -9.99 -12.28 -20.05
CA ILE A 32 -10.46 -13.47 -19.32
C ILE A 32 -9.51 -14.65 -19.58
N LYS A 33 -9.20 -14.91 -20.85
CA LYS A 33 -8.30 -15.99 -21.22
C LYS A 33 -6.88 -15.80 -20.67
N ALA A 34 -6.45 -14.54 -20.56
CA ALA A 34 -5.14 -14.22 -19.98
C ALA A 34 -5.10 -14.51 -18.49
N LEU A 35 -6.10 -14.02 -17.77
CA LEU A 35 -6.17 -14.16 -16.30
C LEU A 35 -6.43 -15.59 -15.82
N ALA A 36 -6.96 -16.44 -16.70
CA ALA A 36 -7.24 -17.84 -16.36
C ALA A 36 -6.01 -18.74 -16.51
N SER A 37 -5.08 -18.35 -17.39
CA SER A 37 -3.89 -19.16 -17.68
C SER A 37 -3.08 -19.59 -16.46
N PRO A 38 -2.75 -18.66 -15.55
CA PRO A 38 -1.98 -19.05 -14.37
C PRO A 38 -2.77 -19.97 -13.42
N LEU A 39 -4.10 -19.82 -13.40
CA LEU A 39 -4.97 -20.68 -12.61
C LEU A 39 -5.09 -22.08 -13.21
N ILE A 40 -5.22 -22.15 -14.54
CA ILE A 40 -5.34 -23.42 -15.24
C ILE A 40 -4.04 -24.24 -15.13
N ASN A 41 -2.90 -23.57 -15.28
CA ASN A 41 -1.59 -24.22 -15.18
C ASN A 41 -1.32 -24.87 -13.84
N ASP A 42 -1.64 -24.17 -12.75
CA ASP A 42 -1.44 -24.69 -11.40
C ASP A 42 -2.44 -25.78 -11.02
N GLY A 43 -3.49 -25.95 -11.82
CA GLY A 43 -4.50 -26.97 -11.57
C GLY A 43 -5.58 -26.52 -10.61
N MET A 44 -5.79 -25.20 -10.56
CA MET A 44 -6.79 -24.61 -9.67
C MET A 44 -8.19 -24.72 -10.27
N VAL A 45 -8.25 -24.75 -11.61
CA VAL A 45 -9.51 -24.79 -12.34
C VAL A 45 -9.39 -25.75 -13.52
N VAL A 46 -10.54 -26.10 -14.11
CA VAL A 46 -10.57 -26.97 -15.29
C VAL A 46 -9.93 -26.30 -16.50
N SER A 47 -9.65 -27.07 -17.55
CA SER A 47 -8.94 -26.57 -18.72
C SER A 47 -9.77 -25.58 -19.51
N ASP A 48 -11.08 -25.82 -19.59
CA ASP A 48 -12.01 -24.94 -20.32
C ASP A 48 -12.66 -23.90 -19.39
N PHE A 49 -11.93 -23.47 -18.37
CA PHE A 49 -12.43 -22.49 -17.40
C PHE A 49 -12.71 -21.15 -18.05
N ALA A 50 -11.80 -20.71 -18.92
CA ALA A 50 -11.95 -19.44 -19.63
C ALA A 50 -13.26 -19.35 -20.41
N ASP A 51 -13.61 -20.43 -21.11
CA ASP A 51 -14.84 -20.48 -21.91
C ASP A 51 -16.09 -20.19 -21.07
N HIS A 52 -16.19 -20.83 -19.91
CA HIS A 52 -17.35 -20.67 -19.04
C HIS A 52 -17.44 -19.29 -18.40
N VAL A 53 -16.28 -18.66 -18.18
CA VAL A 53 -16.23 -17.28 -17.65
C VAL A 53 -16.68 -16.30 -18.74
N ILE A 54 -16.26 -16.55 -19.99
CA ILE A 54 -16.68 -15.75 -21.13
C ILE A 54 -18.18 -15.90 -21.39
N THR A 55 -18.68 -17.13 -21.29
CA THR A 55 -20.09 -17.43 -21.55
C THR A 55 -21.01 -16.75 -20.52
N ARG A 56 -20.62 -16.82 -19.25
CA ARG A 56 -21.41 -16.23 -18.17
C ARG A 56 -21.40 -14.70 -18.23
N GLU A 57 -20.25 -14.13 -18.55
CA GLU A 57 -20.09 -12.67 -18.62
C GLU A 57 -21.07 -12.02 -19.61
N GLN A 58 -21.35 -12.71 -20.71
CA GLN A 58 -22.29 -12.22 -21.72
C GLN A 58 -23.71 -12.11 -21.15
N ASN A 59 -24.14 -13.16 -20.45
CA ASN A 59 -25.49 -13.23 -19.90
C ASN A 59 -25.61 -12.49 -18.57
N PHE A 60 -24.64 -12.69 -17.69
CA PHE A 60 -24.65 -12.09 -16.35
C PHE A 60 -23.34 -11.33 -16.11
N PRO A 61 -23.30 -10.04 -16.52
CA PRO A 61 -22.09 -9.22 -16.42
C PRO A 61 -21.59 -8.99 -14.99
N THR A 62 -20.32 -8.61 -14.86
CA THR A 62 -19.68 -8.39 -13.57
C THR A 62 -19.01 -7.01 -13.49
N GLY A 63 -19.45 -6.08 -14.33
CA GLY A 63 -18.91 -4.73 -14.34
C GLY A 63 -19.45 -3.89 -13.20
N LEU A 64 -18.55 -3.22 -12.49
CA LEU A 64 -18.92 -2.35 -11.37
C LEU A 64 -18.44 -0.92 -11.64
N PRO A 65 -19.36 -0.01 -11.99
CA PRO A 65 -18.97 1.37 -12.27
C PRO A 65 -18.65 2.15 -10.98
N VAL A 66 -17.49 1.86 -10.42
CA VAL A 66 -17.02 2.51 -9.20
C VAL A 66 -16.06 3.63 -9.61
N GLU A 67 -16.12 4.75 -8.90
CA GLU A 67 -15.17 5.85 -9.10
C GLU A 67 -14.02 5.71 -8.12
N PRO A 68 -12.79 6.03 -8.56
CA PRO A 68 -12.38 6.53 -9.87
C PRO A 68 -12.11 5.44 -10.90
N VAL A 69 -11.77 4.23 -10.44
CA VAL A 69 -11.40 3.12 -11.30
C VAL A 69 -12.53 2.11 -11.42
N GLY A 70 -12.93 1.78 -12.64
CA GLY A 70 -13.93 0.73 -12.87
C GLY A 70 -13.35 -0.63 -12.59
N VAL A 71 -14.18 -1.54 -12.06
CA VAL A 71 -13.74 -2.86 -11.63
C VAL A 71 -14.62 -3.97 -12.22
N ALA A 72 -13.98 -5.06 -12.66
CA ALA A 72 -14.69 -6.24 -13.13
C ALA A 72 -14.42 -7.42 -12.20
N ILE A 73 -15.42 -8.28 -12.02
CA ILE A 73 -15.29 -9.46 -11.18
C ILE A 73 -15.77 -10.70 -11.95
N PRO A 74 -15.07 -11.04 -13.06
CA PRO A 74 -15.53 -12.15 -13.90
C PRO A 74 -15.30 -13.51 -13.23
N HIS A 75 -16.30 -14.38 -13.34
CA HIS A 75 -16.22 -15.71 -12.74
C HIS A 75 -17.21 -16.64 -13.45
N THR A 76 -17.29 -17.89 -12.99
CA THR A 76 -18.26 -18.85 -13.53
C THR A 76 -18.81 -19.73 -12.42
N ASP A 77 -19.57 -20.77 -12.80
CA ASP A 77 -20.13 -21.72 -11.85
C ASP A 77 -19.01 -22.40 -11.05
N SER A 78 -19.28 -22.65 -9.78
CA SER A 78 -18.29 -23.20 -8.86
C SER A 78 -17.89 -24.66 -9.14
N LYS A 79 -18.70 -25.36 -9.94
CA LYS A 79 -18.38 -26.73 -10.33
C LYS A 79 -17.16 -26.81 -11.25
N TYR A 80 -16.84 -25.70 -11.92
CA TYR A 80 -15.67 -25.64 -12.81
C TYR A 80 -14.37 -25.31 -12.05
N VAL A 81 -14.49 -24.98 -10.77
CA VAL A 81 -13.33 -24.68 -9.93
C VAL A 81 -13.02 -25.88 -9.05
N ARG A 82 -11.73 -26.15 -8.85
CA ARG A 82 -11.30 -27.23 -7.94
C ARG A 82 -10.83 -26.68 -6.61
N GLN A 83 -9.76 -25.89 -6.65
CA GLN A 83 -9.17 -25.28 -5.47
C GLN A 83 -9.37 -23.77 -5.58
N ASN A 84 -9.81 -23.14 -4.49
CA ASN A 84 -10.07 -21.69 -4.48
C ASN A 84 -8.86 -20.86 -4.87
N ALA A 85 -9.11 -19.76 -5.58
CA ALA A 85 -8.05 -18.86 -6.03
C ALA A 85 -8.60 -17.54 -6.56
N ILE A 86 -7.69 -16.59 -6.80
CA ILE A 86 -8.05 -15.29 -7.38
C ILE A 86 -6.90 -14.79 -8.26
N SER A 87 -7.26 -14.16 -9.39
CA SER A 87 -6.28 -13.66 -10.34
C SER A 87 -6.55 -12.21 -10.69
N VAL A 88 -5.58 -11.34 -10.42
CA VAL A 88 -5.72 -9.90 -10.65
C VAL A 88 -5.10 -9.49 -11.98
N GLY A 89 -5.81 -8.62 -12.71
CA GLY A 89 -5.34 -8.09 -13.98
C GLY A 89 -5.48 -6.58 -14.06
N ILE A 90 -4.42 -5.90 -14.46
CA ILE A 90 -4.43 -4.45 -14.64
C ILE A 90 -4.41 -4.15 -16.13
N LEU A 91 -5.20 -3.16 -16.55
CA LEU A 91 -5.33 -2.80 -17.96
C LEU A 91 -4.61 -1.49 -18.27
N ALA A 92 -4.01 -1.42 -19.46
CA ALA A 92 -3.30 -0.23 -19.91
C ALA A 92 -4.23 0.96 -20.10
N GLU A 93 -5.42 0.69 -20.62
CA GLU A 93 -6.46 1.73 -20.75
C GLU A 93 -7.86 1.08 -20.61
N PRO A 94 -8.92 1.90 -20.53
CA PRO A 94 -10.24 1.35 -20.21
C PRO A 94 -10.75 0.30 -21.20
N VAL A 95 -11.27 -0.80 -20.67
CA VAL A 95 -11.98 -1.79 -21.48
C VAL A 95 -13.43 -1.80 -20.99
N ASN A 96 -14.36 -1.83 -21.94
CA ASN A 96 -15.79 -1.72 -21.61
C ASN A 96 -16.39 -3.05 -21.15
N PHE A 97 -17.03 -3.00 -19.98
CA PHE A 97 -17.79 -4.13 -19.45
C PHE A 97 -19.23 -3.70 -19.25
N GLU A 98 -20.16 -4.64 -19.40
CA GLU A 98 -21.56 -4.37 -19.13
C GLU A 98 -21.79 -4.27 -17.63
N ASP A 99 -22.71 -3.39 -17.22
CA ASP A 99 -22.98 -3.15 -15.81
C ASP A 99 -23.68 -4.35 -15.18
N ALA A 100 -23.23 -4.72 -13.98
CA ALA A 100 -23.80 -5.86 -13.26
C ALA A 100 -25.14 -5.51 -12.60
N GLY A 101 -25.41 -4.21 -12.42
CA GLY A 101 -26.68 -3.74 -11.88
C GLY A 101 -27.81 -3.73 -12.91
N GLY A 102 -27.46 -3.73 -14.19
CA GLY A 102 -28.44 -3.77 -15.27
C GLY A 102 -28.73 -2.42 -15.92
N GLU A 103 -27.79 -1.48 -15.79
CA GLU A 103 -27.92 -0.17 -16.44
C GLU A 103 -27.38 -0.25 -17.86
N PRO A 104 -27.92 0.58 -18.78
CA PRO A 104 -27.46 0.57 -20.16
C PRO A 104 -26.11 1.23 -20.38
N ASP A 105 -25.65 2.02 -19.40
CA ASP A 105 -24.35 2.70 -19.51
C ASP A 105 -23.21 1.71 -19.26
N PRO A 106 -22.12 1.80 -20.03
CA PRO A 106 -21.04 0.81 -19.88
C PRO A 106 -20.09 1.17 -18.74
N VAL A 107 -19.31 0.19 -18.30
CA VAL A 107 -18.35 0.37 -17.22
C VAL A 107 -16.93 0.32 -17.80
N PRO A 108 -16.18 1.44 -17.73
CA PRO A 108 -14.80 1.43 -18.18
C PRO A 108 -13.88 0.80 -17.12
N VAL A 109 -13.63 -0.50 -17.26
CA VAL A 109 -12.89 -1.26 -16.27
C VAL A 109 -11.39 -1.14 -16.51
N ARG A 110 -10.64 -1.05 -15.40
CA ARG A 110 -9.18 -1.05 -15.44
C ARG A 110 -8.55 -2.13 -14.53
N VAL A 111 -9.27 -2.53 -13.48
CA VAL A 111 -8.83 -3.58 -12.57
C VAL A 111 -9.81 -4.75 -12.63
N VAL A 112 -9.28 -5.96 -12.87
CA VAL A 112 -10.11 -7.15 -13.02
C VAL A 112 -9.76 -8.16 -11.92
N PHE A 113 -10.78 -8.54 -11.13
CA PHE A 113 -10.62 -9.56 -10.09
C PHE A 113 -11.32 -10.85 -10.50
N MET A 114 -10.61 -11.68 -11.26
CA MET A 114 -11.15 -12.98 -11.67
C MET A 114 -11.23 -13.91 -10.47
N LEU A 115 -12.44 -14.39 -10.18
CA LEU A 115 -12.67 -15.26 -9.03
C LEU A 115 -12.87 -16.71 -9.46
N ALA A 116 -12.11 -17.61 -8.84
CA ALA A 116 -12.30 -19.04 -9.00
C ALA A 116 -12.67 -19.61 -7.64
N LEU A 117 -13.96 -19.59 -7.34
CA LEU A 117 -14.46 -20.02 -6.03
C LEU A 117 -15.13 -21.40 -6.11
N GLY A 118 -14.64 -22.34 -5.31
CA GLY A 118 -15.14 -23.71 -5.30
C GLY A 118 -16.39 -23.89 -4.46
N ASN A 119 -16.45 -23.20 -3.32
CA ASN A 119 -17.64 -23.18 -2.48
C ASN A 119 -18.52 -21.99 -2.86
N TRP A 120 -19.79 -22.26 -3.14
CA TRP A 120 -20.75 -21.21 -3.48
C TRP A 120 -21.11 -20.35 -2.26
N PHE A 121 -21.07 -20.96 -1.08
CA PHE A 121 -21.46 -20.28 0.16
C PHE A 121 -20.45 -19.25 0.68
N ASP A 122 -19.24 -19.22 0.10
CA ASP A 122 -18.25 -18.20 0.48
C ASP A 122 -17.99 -17.18 -0.65
N ILE A 123 -18.86 -17.19 -1.67
CA ILE A 123 -18.79 -16.20 -2.74
C ILE A 123 -19.05 -14.80 -2.21
N THR A 124 -20.07 -14.68 -1.37
CA THR A 124 -20.44 -13.38 -0.79
C THR A 124 -19.35 -12.78 0.10
N ASN A 125 -18.55 -13.65 0.73
CA ASN A 125 -17.39 -13.21 1.52
C ASN A 125 -16.31 -12.57 0.66
N VAL A 126 -16.02 -13.19 -0.48
CA VAL A 126 -15.01 -12.67 -1.41
C VAL A 126 -15.49 -11.37 -2.03
N LEU A 127 -16.77 -11.31 -2.38
CA LEU A 127 -17.38 -10.09 -2.89
C LEU A 127 -17.31 -8.94 -1.88
N TRP A 128 -17.69 -9.22 -0.64
CA TRP A 128 -17.61 -8.22 0.44
C TRP A 128 -16.19 -7.69 0.61
N TRP A 129 -15.21 -8.58 0.51
CA TRP A 129 -13.80 -8.21 0.60
C TRP A 129 -13.41 -7.28 -0.55
N ILE A 130 -13.85 -7.60 -1.77
CA ILE A 130 -13.57 -6.76 -2.93
C ILE A 130 -14.18 -5.37 -2.77
N MET A 131 -15.45 -5.32 -2.35
CA MET A 131 -16.15 -4.05 -2.13
C MET A 131 -15.41 -3.15 -1.13
N ASP A 132 -14.86 -3.77 -0.08
CA ASP A 132 -14.06 -3.05 0.91
C ASP A 132 -12.74 -2.56 0.32
N VAL A 133 -12.14 -3.39 -0.53
CA VAL A 133 -10.87 -3.07 -1.18
C VAL A 133 -11.02 -1.93 -2.20
N ILE A 134 -12.06 -2.00 -3.02
CA ILE A 134 -12.30 -0.99 -4.06
C ILE A 134 -12.90 0.31 -3.49
N GLN A 135 -13.31 0.28 -2.23
CA GLN A 135 -13.75 1.47 -1.52
C GLN A 135 -12.56 2.35 -1.14
N ASP A 136 -11.45 1.74 -0.80
CA ASP A 136 -10.21 2.45 -0.50
C ASP A 136 -9.70 3.13 -1.77
N GLU A 137 -10.04 4.41 -1.92
CA GLU A 137 -9.70 5.17 -3.13
C GLU A 137 -8.19 5.32 -3.35
N ASP A 138 -7.44 5.42 -2.26
CA ASP A 138 -5.98 5.55 -2.34
C ASP A 138 -5.34 4.28 -2.89
N PHE A 139 -5.71 3.12 -2.35
CA PHE A 139 -5.14 1.84 -2.77
C PHE A 139 -5.46 1.52 -4.24
N MET A 140 -6.69 1.80 -4.65
CA MET A 140 -7.12 1.55 -6.04
C MET A 140 -6.32 2.39 -7.03
N GLN A 141 -6.03 3.65 -6.67
CA GLN A 141 -5.25 4.54 -7.52
C GLN A 141 -3.79 4.09 -7.62
N GLN A 142 -3.29 3.45 -6.57
CA GLN A 142 -1.92 2.92 -6.55
C GLN A 142 -1.78 1.68 -7.42
N LEU A 143 -2.83 0.85 -7.48
CA LEU A 143 -2.84 -0.36 -8.31
C LEU A 143 -2.57 -0.05 -9.78
N LEU A 144 -2.96 1.15 -10.22
CA LEU A 144 -2.76 1.58 -11.60
C LEU A 144 -1.30 1.90 -11.93
N VAL A 145 -0.46 2.13 -10.90
CA VAL A 145 0.95 2.50 -11.10
C VAL A 145 1.96 1.47 -10.59
N MET A 146 1.58 0.72 -9.56
CA MET A 146 2.48 -0.29 -8.97
C MET A 146 2.77 -1.43 -9.93
N ASN A 147 3.95 -2.04 -9.78
CA ASN A 147 4.36 -3.18 -10.60
C ASN A 147 3.82 -4.49 -10.03
N ASP A 148 4.13 -5.60 -10.71
CA ASP A 148 3.58 -6.92 -10.37
C ASP A 148 3.82 -7.34 -8.92
N ASP A 149 5.06 -7.19 -8.44
CA ASP A 149 5.38 -7.55 -7.06
C ASP A 149 4.77 -6.58 -6.05
N GLU A 150 4.81 -5.28 -6.37
CA GLU A 150 4.22 -4.25 -5.51
C GLU A 150 2.71 -4.46 -5.32
N ILE A 151 2.05 -4.93 -6.39
CA ILE A 151 0.62 -5.27 -6.33
C ILE A 151 0.40 -6.56 -5.54
N TYR A 152 1.28 -7.54 -5.72
CA TYR A 152 1.17 -8.80 -4.97
C TYR A 152 1.27 -8.54 -3.47
N GLN A 153 2.33 -7.84 -3.05
CA GLN A 153 2.58 -7.55 -1.64
C GLN A 153 1.45 -6.76 -0.99
N SER A 154 0.94 -5.76 -1.73
CA SER A 154 -0.19 -4.96 -1.26
C SER A 154 -1.45 -5.80 -1.08
N ILE A 155 -1.76 -6.62 -2.09
CA ILE A 155 -2.97 -7.46 -2.05
C ILE A 155 -2.84 -8.62 -1.06
N TYR A 156 -1.66 -9.23 -1.00
CA TYR A 156 -1.43 -10.35 -0.08
C TYR A 156 -1.63 -9.95 1.38
N THR A 157 -1.21 -8.75 1.73
CA THR A 157 -1.44 -8.19 3.06
C THR A 157 -2.94 -7.98 3.32
N ARG A 158 -3.65 -7.53 2.29
CA ARG A 158 -5.09 -7.28 2.40
C ARG A 158 -5.91 -8.57 2.60
N ILE A 159 -5.40 -9.69 2.08
CA ILE A 159 -6.06 -10.99 2.24
C ILE A 159 -5.84 -11.55 3.65
N SER A 160 -4.65 -11.34 4.21
CA SER A 160 -4.33 -11.81 5.56
C SER A 160 -4.69 -10.76 6.60
N GLN B 3 5.80 22.12 1.14
CA GLN B 3 5.07 21.52 -0.02
C GLN B 3 5.92 21.59 -1.29
N VAL B 4 6.39 20.42 -1.74
CA VAL B 4 7.23 20.32 -2.93
C VAL B 4 6.85 19.06 -3.72
N GLN B 5 6.73 19.20 -5.05
CA GLN B 5 6.46 18.07 -5.92
C GLN B 5 7.68 17.76 -6.78
N LEU B 6 7.98 16.48 -6.92
CA LEU B 6 9.05 16.01 -7.79
C LEU B 6 8.47 15.01 -8.80
N VAL B 7 8.21 15.48 -10.02
CA VAL B 7 7.58 14.66 -11.05
C VAL B 7 8.65 14.08 -11.98
N GLN B 8 8.81 12.76 -11.92
CA GLN B 8 9.81 12.07 -12.73
C GLN B 8 9.27 11.67 -14.10
N SER B 9 10.18 11.26 -14.99
CA SER B 9 9.82 10.79 -16.33
C SER B 9 9.24 9.38 -16.29
N GLY B 10 8.76 8.91 -17.43
CA GLY B 10 8.15 7.59 -17.54
C GLY B 10 9.13 6.44 -17.46
N ALA B 11 8.59 5.22 -17.41
CA ALA B 11 9.42 4.01 -17.31
C ALA B 11 10.18 3.73 -18.60
N GLU B 12 11.29 3.02 -18.49
CA GLU B 12 12.19 2.75 -19.62
C GLU B 12 12.46 1.27 -19.78
N VAL B 13 12.34 0.77 -21.02
CA VAL B 13 12.67 -0.62 -21.36
C VAL B 13 13.94 -0.60 -22.20
N LYS B 14 15.06 -0.95 -21.59
CA LYS B 14 16.38 -0.82 -22.22
C LYS B 14 17.04 -2.15 -22.51
N LYS B 15 17.84 -2.19 -23.57
CA LYS B 15 18.66 -3.35 -23.90
C LYS B 15 20.03 -3.20 -23.23
N PRO B 16 20.66 -4.33 -22.84
CA PRO B 16 21.99 -4.27 -22.21
C PRO B 16 23.04 -3.56 -23.07
N GLY B 17 23.85 -2.72 -22.43
CA GLY B 17 24.88 -1.95 -23.13
C GLY B 17 24.47 -0.52 -23.45
N SER B 18 23.16 -0.28 -23.54
CA SER B 18 22.62 1.04 -23.84
C SER B 18 22.71 1.98 -22.62
N SER B 19 22.21 3.20 -22.77
CA SER B 19 22.18 4.17 -21.68
C SER B 19 20.79 4.80 -21.54
N VAL B 20 20.45 5.23 -20.33
CA VAL B 20 19.13 5.79 -20.02
C VAL B 20 19.28 7.16 -19.35
N LYS B 21 18.38 8.09 -19.68
CA LYS B 21 18.36 9.42 -19.09
C LYS B 21 17.02 9.69 -18.40
N VAL B 22 17.01 9.62 -17.08
CA VAL B 22 15.80 9.85 -16.27
C VAL B 22 15.80 11.30 -15.78
N SER B 23 14.63 11.94 -15.81
CA SER B 23 14.50 13.34 -15.43
C SER B 23 13.61 13.51 -14.19
N CYS B 24 13.90 14.54 -13.40
CA CYS B 24 13.11 14.89 -12.21
C CYS B 24 12.73 16.36 -12.28
N LYS B 25 11.42 16.63 -12.40
CA LYS B 25 10.92 18.00 -12.53
C LYS B 25 10.45 18.53 -11.17
N ALA B 26 11.14 19.56 -10.67
CA ALA B 26 10.84 20.13 -9.36
C ALA B 26 9.80 21.24 -9.44
N SER B 27 9.02 21.37 -8.37
CA SER B 27 8.05 22.47 -8.26
C SER B 27 7.62 22.66 -6.81
N GLY B 28 7.02 23.81 -6.53
CA GLY B 28 6.52 24.13 -5.19
C GLY B 28 7.52 24.83 -4.27
N GLY B 29 8.77 24.92 -4.70
CA GLY B 29 9.82 25.60 -3.91
C GLY B 29 10.98 26.08 -4.76
N THR B 30 11.96 26.68 -4.10
CA THR B 30 13.17 27.14 -4.77
C THR B 30 13.95 25.93 -5.28
N PHE B 31 14.47 26.03 -6.49
CA PHE B 31 15.13 24.90 -7.16
C PHE B 31 16.65 24.94 -6.98
N SER B 32 17.25 26.09 -7.24
CA SER B 32 18.70 26.23 -7.32
C SER B 32 19.42 26.18 -5.97
N SER B 33 18.71 26.49 -4.89
CA SER B 33 19.32 26.64 -3.57
C SER B 33 19.30 25.38 -2.70
N TYR B 34 18.92 24.23 -3.28
CA TYR B 34 18.80 22.99 -2.50
C TYR B 34 19.35 21.76 -3.22
N ALA B 35 19.85 20.81 -2.44
CA ALA B 35 20.48 19.60 -2.97
C ALA B 35 19.43 18.59 -3.46
N ILE B 36 19.61 18.11 -4.69
CA ILE B 36 18.73 17.10 -5.27
C ILE B 36 19.54 15.81 -5.47
N SER B 37 19.14 14.75 -4.76
CA SER B 37 19.84 13.47 -4.80
C SER B 37 19.11 12.46 -5.69
N TRP B 38 19.84 11.41 -6.08
CA TRP B 38 19.27 10.30 -6.83
C TRP B 38 19.51 8.98 -6.09
N VAL B 39 18.43 8.31 -5.71
CA VAL B 39 18.50 7.08 -4.93
C VAL B 39 17.86 5.92 -5.71
N ARG B 40 18.51 4.77 -5.67
CA ARG B 40 18.05 3.58 -6.41
C ARG B 40 17.54 2.50 -5.46
N GLN B 41 16.65 1.64 -5.98
CA GLN B 41 16.15 0.49 -5.23
C GLN B 41 15.80 -0.67 -6.16
N ALA B 42 16.53 -1.77 -6.04
CA ALA B 42 16.25 -2.97 -6.82
C ALA B 42 14.99 -3.67 -6.30
N PRO B 43 14.35 -4.49 -7.15
CA PRO B 43 13.13 -5.19 -6.76
C PRO B 43 13.31 -6.02 -5.50
N GLY B 44 12.66 -5.61 -4.41
CA GLY B 44 12.75 -6.31 -3.14
C GLY B 44 14.08 -6.16 -2.43
N GLN B 45 14.77 -5.06 -2.71
CA GLN B 45 16.05 -4.76 -2.07
C GLN B 45 15.96 -3.41 -1.35
N GLY B 46 17.06 -2.96 -0.78
CA GLY B 46 17.11 -1.71 -0.02
C GLY B 46 17.49 -0.49 -0.85
N LEU B 47 17.62 0.65 -0.17
CA LEU B 47 17.90 1.93 -0.82
C LEU B 47 19.40 2.11 -1.06
N GLU B 48 19.73 2.86 -2.11
CA GLU B 48 21.11 3.01 -2.55
C GLU B 48 21.35 4.39 -3.17
N TRP B 49 22.18 5.20 -2.51
CA TRP B 49 22.46 6.56 -2.95
C TRP B 49 23.45 6.54 -4.12
N MET B 50 23.01 7.04 -5.27
CA MET B 50 23.86 7.10 -6.47
C MET B 50 24.69 8.37 -6.49
N GLY B 51 24.03 9.50 -6.20
CA GLY B 51 24.69 10.81 -6.23
C GLY B 51 23.70 11.94 -6.09
N GLY B 52 24.19 13.18 -6.16
CA GLY B 52 23.33 14.36 -6.06
C GLY B 52 23.96 15.61 -6.63
N ILE B 53 23.14 16.65 -6.78
CA ILE B 53 23.60 17.92 -7.35
C ILE B 53 22.94 19.12 -6.66
N ILE B 54 23.73 20.16 -6.39
CA ILE B 54 23.23 21.43 -5.90
C ILE B 54 23.22 22.40 -7.09
N PRO B 55 22.02 22.71 -7.63
CA PRO B 55 21.95 23.39 -8.94
C PRO B 55 22.51 24.80 -9.07
N ILE B 56 22.54 25.59 -8.00
CA ILE B 56 23.20 26.91 -8.08
C ILE B 56 24.68 26.70 -8.40
N PHE B 57 25.31 25.76 -7.70
CA PHE B 57 26.63 25.28 -8.08
C PHE B 57 26.45 24.27 -9.21
N GLY B 58 27.56 23.87 -9.83
CA GLY B 58 27.57 22.76 -10.78
C GLY B 58 27.75 21.41 -10.11
N THR B 59 27.94 21.39 -8.78
CA THR B 59 28.60 20.26 -8.14
C THR B 59 27.72 19.04 -8.20
N ALA B 60 28.10 18.08 -9.03
CA ALA B 60 27.54 16.77 -8.96
C ALA B 60 28.45 15.93 -8.06
N ASN B 61 27.90 15.38 -6.99
CA ASN B 61 28.63 14.52 -6.07
C ASN B 61 28.26 13.07 -6.35
N TYR B 62 29.27 12.21 -6.52
CA TYR B 62 29.05 10.82 -6.95
C TYR B 62 29.55 9.80 -5.93
N ALA B 63 28.85 8.69 -5.85
CA ALA B 63 29.31 7.53 -5.07
C ALA B 63 30.30 6.74 -5.91
N GLN B 64 31.37 6.27 -5.26
CA GLN B 64 32.47 5.57 -5.94
C GLN B 64 32.03 4.37 -6.80
N LYS B 65 30.95 3.72 -6.39
CA LYS B 65 30.39 2.57 -7.12
C LYS B 65 29.90 2.96 -8.52
N PHE B 66 29.37 4.18 -8.64
CA PHE B 66 28.77 4.66 -9.89
C PHE B 66 29.67 5.62 -10.67
N GLN B 67 30.74 6.10 -10.03
CA GLN B 67 31.65 7.07 -10.67
C GLN B 67 32.21 6.61 -12.01
N GLY B 68 31.81 7.29 -13.09
CA GLY B 68 32.24 6.95 -14.44
C GLY B 68 31.07 6.57 -15.33
N ARG B 69 30.02 6.02 -14.73
CA ARG B 69 28.88 5.48 -15.45
C ARG B 69 27.62 6.34 -15.29
N VAL B 70 27.61 7.19 -14.25
CA VAL B 70 26.45 8.01 -13.93
C VAL B 70 26.76 9.49 -14.16
N THR B 71 25.83 10.19 -14.80
CA THR B 71 25.97 11.64 -15.04
C THR B 71 24.73 12.36 -14.51
N ILE B 72 24.93 13.15 -13.46
CA ILE B 72 23.84 13.91 -12.85
C ILE B 72 24.00 15.39 -13.19
N THR B 73 22.94 15.97 -13.78
CA THR B 73 22.92 17.39 -14.15
C THR B 73 21.62 18.05 -13.69
N ALA B 74 21.61 19.39 -13.71
CA ALA B 74 20.43 20.16 -13.30
C ALA B 74 20.22 21.35 -14.24
N ASP B 75 19.01 21.46 -14.77
CA ASP B 75 18.65 22.57 -15.65
C ASP B 75 17.94 23.65 -14.83
N LYS B 76 18.63 24.77 -14.61
CA LYS B 76 18.05 25.90 -13.86
C LYS B 76 16.87 26.52 -14.61
N SER B 77 16.92 26.48 -15.93
CA SER B 77 15.91 27.14 -16.77
C SER B 77 14.61 26.36 -16.92
N THR B 78 14.56 25.11 -16.46
CA THR B 78 13.33 24.33 -16.43
C THR B 78 13.06 23.65 -15.07
N SER B 79 13.92 23.91 -14.08
CA SER B 79 13.84 23.29 -12.75
C SER B 79 13.75 21.76 -12.85
N THR B 80 14.59 21.18 -13.70
CA THR B 80 14.58 19.74 -13.94
C THR B 80 15.98 19.16 -13.72
N ALA B 81 16.07 18.16 -12.83
CA ALA B 81 17.31 17.42 -12.60
C ALA B 81 17.30 16.14 -13.41
N TYR B 82 18.48 15.71 -13.86
CA TYR B 82 18.60 14.51 -14.68
C TYR B 82 19.61 13.52 -14.11
N MET B 83 19.41 12.24 -14.42
CA MET B 83 20.36 11.19 -14.07
C MET B 83 20.54 10.28 -15.30
N GLU B 84 21.77 10.24 -15.82
CA GLU B 84 22.08 9.41 -16.97
C GLU B 84 23.04 8.29 -16.59
N LEU B 85 22.55 7.05 -16.67
CA LEU B 85 23.36 5.87 -16.35
C LEU B 85 23.75 5.13 -17.64
N SER B 86 25.06 5.01 -17.87
CA SER B 86 25.59 4.39 -19.08
C SER B 86 26.00 2.94 -18.86
N SER B 87 26.19 2.21 -19.96
CA SER B 87 26.57 0.80 -19.94
C SER B 87 25.65 -0.02 -19.04
N LEU B 88 24.38 -0.09 -19.42
CA LEU B 88 23.35 -0.72 -18.61
C LEU B 88 23.52 -2.24 -18.52
N ARG B 89 23.73 -2.74 -17.30
CA ARG B 89 23.76 -4.18 -17.04
C ARG B 89 22.39 -4.64 -16.56
N SER B 90 22.21 -5.96 -16.47
CA SER B 90 20.97 -6.55 -15.93
C SER B 90 20.80 -6.20 -14.46
N GLU B 91 21.92 -6.05 -13.76
CA GLU B 91 21.97 -5.60 -12.36
C GLU B 91 21.29 -4.23 -12.16
N ASP B 92 21.38 -3.37 -13.16
CA ASP B 92 20.84 -1.99 -13.07
C ASP B 92 19.31 -1.92 -13.11
N THR B 93 18.65 -3.06 -13.31
CA THR B 93 17.19 -3.11 -13.27
C THR B 93 16.67 -2.73 -11.88
N ALA B 94 16.09 -1.54 -11.77
CA ALA B 94 15.62 -1.03 -10.48
C ALA B 94 14.70 0.18 -10.64
N VAL B 95 14.08 0.58 -9.53
CA VAL B 95 13.27 1.80 -9.48
C VAL B 95 14.19 2.95 -9.04
N TYR B 96 14.26 3.99 -9.86
CA TYR B 96 15.14 5.13 -9.61
C TYR B 96 14.35 6.32 -9.09
N TYR B 97 14.71 6.78 -7.90
CA TYR B 97 14.07 7.94 -7.28
C TYR B 97 14.97 9.17 -7.34
N CYS B 98 14.36 10.32 -7.59
CA CYS B 98 15.00 11.61 -7.31
C CYS B 98 14.47 12.08 -5.96
N ALA B 99 15.35 12.60 -5.12
CA ALA B 99 14.97 13.03 -3.78
C ALA B 99 15.61 14.37 -3.45
N ARG B 100 14.81 15.28 -2.89
CA ARG B 100 15.27 16.62 -2.54
C ARG B 100 15.27 16.75 -1.02
N GLU B 101 16.31 17.37 -0.48
CA GLU B 101 16.42 17.58 0.97
C GLU B 101 15.27 18.45 1.48
N GLY B 102 15.02 18.39 2.78
CA GLY B 102 13.95 19.16 3.40
C GLY B 102 14.44 20.53 3.86
N THR B 103 13.53 21.30 4.44
CA THR B 103 13.87 22.56 5.09
C THR B 103 13.41 22.52 6.55
N THR B 104 14.29 22.91 7.47
CA THR B 104 13.97 22.88 8.91
C THR B 104 12.91 23.93 9.28
N GLY B 105 11.66 23.61 8.99
CA GLY B 105 10.56 24.53 9.28
C GLY B 105 9.32 24.22 8.46
N TRP B 106 8.25 24.92 8.76
CA TRP B 106 6.99 24.75 8.04
C TRP B 106 7.08 25.39 6.64
N GLY B 107 6.49 24.70 5.66
CA GLY B 107 6.34 25.24 4.31
C GLY B 107 7.65 25.52 3.59
N TRP B 108 7.91 26.81 3.36
CA TRP B 108 9.07 27.27 2.61
C TRP B 108 10.14 27.85 3.54
N LEU B 109 9.89 27.78 4.85
CA LEU B 109 10.72 28.46 5.84
C LEU B 109 11.85 27.59 6.39
N GLY B 110 12.95 28.24 6.75
CA GLY B 110 14.04 27.61 7.49
C GLY B 110 15.21 27.13 6.64
N LYS B 111 16.26 26.69 7.32
CA LYS B 111 17.47 26.18 6.67
C LYS B 111 17.24 24.77 6.10
N PRO B 112 18.19 24.27 5.29
CA PRO B 112 18.08 22.90 4.78
C PRO B 112 18.50 21.86 5.81
N ILE B 113 17.92 20.66 5.74
CA ILE B 113 18.18 19.62 6.74
C ILE B 113 19.08 18.48 6.25
N GLY B 114 19.23 18.34 4.93
CA GLY B 114 20.09 17.30 4.35
C GLY B 114 19.34 16.01 4.06
N ALA B 115 18.58 15.52 5.03
CA ALA B 115 17.79 14.31 4.87
C ALA B 115 16.68 14.52 3.85
N PHE B 116 16.38 13.48 3.08
CA PHE B 116 15.49 13.61 1.92
C PHE B 116 14.02 13.56 2.34
N GLN B 117 13.42 14.74 2.48
CA GLN B 117 12.02 14.85 2.91
C GLN B 117 11.04 14.66 1.76
N HIS B 118 11.46 15.04 0.55
CA HIS B 118 10.61 14.97 -0.64
C HIS B 118 11.15 13.94 -1.63
N TRP B 119 10.25 13.17 -2.23
CA TRP B 119 10.62 12.08 -3.13
C TRP B 119 9.78 12.12 -4.41
N GLY B 120 10.36 11.62 -5.50
CA GLY B 120 9.62 11.47 -6.75
C GLY B 120 8.74 10.24 -6.72
N GLN B 121 7.94 10.05 -7.77
CA GLN B 121 7.06 8.88 -7.86
C GLN B 121 7.83 7.60 -8.13
N GLY B 122 9.02 7.73 -8.71
CA GLY B 122 9.89 6.60 -9.02
C GLY B 122 9.87 6.26 -10.50
N THR B 123 11.03 5.98 -11.07
CA THR B 123 11.17 5.62 -12.48
C THR B 123 11.75 4.21 -12.59
N LEU B 124 10.93 3.27 -13.09
CA LEU B 124 11.36 1.89 -13.25
C LEU B 124 12.15 1.71 -14.54
N VAL B 125 13.40 1.27 -14.40
CA VAL B 125 14.26 0.97 -15.54
C VAL B 125 14.54 -0.53 -15.53
N THR B 126 14.23 -1.20 -16.63
CA THR B 126 14.50 -2.64 -16.77
C THR B 126 15.48 -2.89 -17.91
N VAL B 127 16.48 -3.72 -17.64
CA VAL B 127 17.50 -4.06 -18.62
C VAL B 127 17.40 -5.53 -19.00
N SER B 128 17.03 -5.79 -20.26
CA SER B 128 16.90 -7.15 -20.77
C SER B 128 16.90 -7.17 -22.29
N SER B 129 17.60 -8.15 -22.87
CA SER B 129 17.71 -8.29 -24.32
C SER B 129 16.53 -9.08 -24.88
N GLU C 1 -22.76 -36.81 -1.85
CA GLU C 1 -23.10 -35.73 -0.87
C GLU C 1 -22.67 -36.08 0.55
N ILE C 2 -22.44 -35.06 1.36
CA ILE C 2 -22.01 -35.23 2.75
C ILE C 2 -23.22 -35.45 3.64
N VAL C 3 -23.24 -36.59 4.34
CA VAL C 3 -24.32 -36.91 5.27
C VAL C 3 -23.92 -36.51 6.70
N LEU C 4 -24.83 -35.82 7.38
CA LEU C 4 -24.62 -35.45 8.78
C LEU C 4 -25.51 -36.30 9.68
N THR C 5 -24.88 -37.13 10.52
CA THR C 5 -25.60 -37.97 11.48
C THR C 5 -25.49 -37.36 12.87
N GLN C 6 -26.64 -36.97 13.43
CA GLN C 6 -26.69 -36.38 14.76
C GLN C 6 -26.95 -37.44 15.84
N SER C 7 -26.48 -37.17 17.05
CA SER C 7 -26.65 -38.07 18.18
C SER C 7 -26.63 -37.27 19.49
N PRO C 8 -27.55 -37.57 20.43
CA PRO C 8 -28.62 -38.59 20.36
C PRO C 8 -29.76 -38.22 19.42
N GLY C 9 -30.72 -39.13 19.30
CA GLY C 9 -31.94 -38.88 18.51
C GLY C 9 -32.94 -38.06 19.31
N THR C 10 -33.10 -38.42 20.59
CA THR C 10 -33.94 -37.68 21.53
C THR C 10 -33.27 -37.68 22.90
N LEU C 11 -33.44 -36.58 23.63
CA LEU C 11 -32.77 -36.40 24.92
C LEU C 11 -33.70 -35.71 25.92
N SER C 12 -34.08 -36.42 26.98
CA SER C 12 -34.94 -35.85 28.01
C SER C 12 -34.11 -35.39 29.22
N LEU C 13 -34.10 -34.08 29.46
CA LEU C 13 -33.34 -33.47 30.55
C LEU C 13 -34.24 -32.57 31.41
N SER C 14 -33.92 -32.49 32.70
CA SER C 14 -34.60 -31.57 33.60
C SER C 14 -33.90 -30.21 33.53
N PRO C 15 -34.64 -29.11 33.72
CA PRO C 15 -34.06 -27.76 33.63
C PRO C 15 -32.83 -27.54 34.53
N GLY C 16 -31.87 -26.78 34.03
CA GLY C 16 -30.63 -26.50 34.77
C GLY C 16 -29.48 -27.43 34.41
N GLU C 17 -29.77 -28.50 33.67
CA GLU C 17 -28.77 -29.50 33.30
C GLU C 17 -28.02 -29.12 32.03
N ARG C 18 -26.94 -29.85 31.76
CA ARG C 18 -26.13 -29.65 30.55
C ARG C 18 -26.51 -30.68 29.49
N ALA C 19 -26.90 -30.19 28.31
CA ALA C 19 -27.19 -31.04 27.16
C ALA C 19 -26.02 -31.02 26.18
N THR C 20 -25.54 -32.20 25.79
CA THR C 20 -24.45 -32.33 24.83
C THR C 20 -24.96 -33.03 23.57
N LEU C 21 -25.00 -32.28 22.46
CA LEU C 21 -25.46 -32.80 21.18
C LEU C 21 -24.27 -33.01 20.25
N SER C 22 -24.34 -34.03 19.41
CA SER C 22 -23.26 -34.37 18.49
C SER C 22 -23.71 -34.28 17.03
N CYS C 23 -22.77 -33.99 16.14
CA CYS C 23 -23.01 -33.98 14.69
C CYS C 23 -21.85 -34.62 13.96
N ARG C 24 -22.01 -35.88 13.56
CA ARG C 24 -20.98 -36.64 12.86
C ARG C 24 -21.14 -36.49 11.35
N ALA C 25 -20.04 -36.13 10.67
CA ALA C 25 -20.05 -35.93 9.23
C ALA C 25 -19.50 -37.15 8.51
N SER C 26 -20.01 -37.41 7.31
CA SER C 26 -19.50 -38.49 6.46
C SER C 26 -18.08 -38.19 5.97
N GLN C 27 -17.76 -36.90 5.84
CA GLN C 27 -16.44 -36.47 5.39
C GLN C 27 -15.95 -35.29 6.23
N SER C 28 -14.67 -34.95 6.06
CA SER C 28 -14.08 -33.81 6.76
C SER C 28 -14.62 -32.50 6.22
N VAL C 29 -15.26 -31.72 7.09
CA VAL C 29 -15.71 -30.38 6.77
C VAL C 29 -14.84 -29.42 7.56
N SER C 30 -14.29 -28.41 6.89
CA SER C 30 -13.47 -27.43 7.57
C SER C 30 -14.32 -26.68 8.60
N SER C 31 -13.74 -26.42 9.76
CA SER C 31 -14.46 -25.88 10.91
C SER C 31 -15.26 -24.61 10.60
N SER C 32 -14.82 -23.85 9.60
CA SER C 32 -15.49 -22.61 9.23
C SER C 32 -16.85 -22.77 8.52
N TYR C 33 -17.24 -24.00 8.20
CA TYR C 33 -18.47 -24.25 7.44
C TYR C 33 -19.44 -25.21 8.13
N LEU C 34 -19.72 -24.96 9.41
CA LEU C 34 -20.73 -25.76 10.12
C LEU C 34 -21.54 -24.90 11.08
N ALA C 35 -22.86 -25.05 11.01
CA ALA C 35 -23.79 -24.23 11.80
C ALA C 35 -24.77 -25.08 12.58
N TRP C 36 -25.31 -24.51 13.65
CA TRP C 36 -26.31 -25.17 14.49
C TRP C 36 -27.59 -24.35 14.54
N TYR C 37 -28.73 -25.04 14.51
CA TYR C 37 -30.03 -24.37 14.52
C TYR C 37 -30.95 -24.90 15.63
N GLN C 38 -31.84 -24.04 16.10
CA GLN C 38 -32.90 -24.41 17.05
C GLN C 38 -34.24 -24.18 16.36
N GLN C 39 -35.14 -25.16 16.45
CA GLN C 39 -36.48 -25.02 15.88
C GLN C 39 -37.56 -25.53 16.82
N LYS C 40 -38.40 -24.61 17.26
CA LYS C 40 -39.58 -24.96 18.05
C LYS C 40 -40.73 -25.29 17.10
N PRO C 41 -41.76 -26.02 17.58
CA PRO C 41 -42.89 -26.38 16.71
C PRO C 41 -43.63 -25.17 16.14
N GLY C 42 -43.94 -25.23 14.85
CA GLY C 42 -44.68 -24.17 14.17
C GLY C 42 -43.89 -22.89 13.97
N GLN C 43 -42.58 -23.02 13.78
CA GLN C 43 -41.69 -21.87 13.60
C GLN C 43 -40.56 -22.18 12.63
N ALA C 44 -39.87 -21.13 12.20
CA ALA C 44 -38.69 -21.27 11.35
C ALA C 44 -37.46 -21.57 12.22
N PRO C 45 -36.43 -22.21 11.64
CA PRO C 45 -35.18 -22.43 12.37
C PRO C 45 -34.50 -21.15 12.85
N ARG C 46 -33.83 -21.24 13.99
CA ARG C 46 -33.12 -20.11 14.59
C ARG C 46 -31.63 -20.44 14.63
N LEU C 47 -30.81 -19.55 14.07
CA LEU C 47 -29.36 -19.77 14.02
C LEU C 47 -28.74 -19.58 15.40
N LEU C 48 -28.00 -20.59 15.85
CA LEU C 48 -27.28 -20.54 17.12
C LEU C 48 -25.81 -20.27 16.89
N ILE C 49 -25.17 -21.17 16.14
CA ILE C 49 -23.73 -21.15 15.89
C ILE C 49 -23.51 -21.14 14.38
N TYR C 50 -22.42 -20.52 13.92
CA TYR C 50 -22.11 -20.47 12.48
C TYR C 50 -20.68 -20.89 12.11
N GLY C 51 -19.70 -20.52 12.92
CA GLY C 51 -18.30 -20.85 12.62
C GLY C 51 -17.83 -22.11 13.34
N ALA C 52 -18.75 -23.05 13.56
CA ALA C 52 -18.53 -24.20 14.45
C ALA C 52 -18.43 -23.77 15.92
N SER C 53 -17.70 -22.69 16.17
CA SER C 53 -17.56 -22.12 17.52
C SER C 53 -18.29 -20.77 17.68
N SER C 54 -18.33 -19.98 16.61
CA SER C 54 -18.82 -18.59 16.69
C SER C 54 -20.34 -18.47 16.90
N ARG C 55 -20.74 -17.56 17.77
CA ARG C 55 -22.15 -17.35 18.13
C ARG C 55 -22.84 -16.34 17.21
N ALA C 56 -24.09 -16.64 16.83
CA ALA C 56 -24.92 -15.68 16.10
C ALA C 56 -25.31 -14.52 17.02
N THR C 57 -25.73 -13.41 16.42
CA THR C 57 -26.07 -12.20 17.17
C THR C 57 -27.29 -12.42 18.07
N GLY C 58 -27.14 -12.07 19.34
CA GLY C 58 -28.24 -12.16 20.31
C GLY C 58 -28.38 -13.51 21.00
N ILE C 59 -27.61 -14.50 20.57
CA ILE C 59 -27.65 -15.84 21.16
C ILE C 59 -26.83 -15.82 22.46
N PRO C 60 -27.42 -16.31 23.57
CA PRO C 60 -26.72 -16.29 24.87
C PRO C 60 -25.43 -17.12 24.91
N ASP C 61 -24.65 -16.92 25.96
CA ASP C 61 -23.41 -17.69 26.17
C ASP C 61 -23.67 -19.09 26.75
N ARG C 62 -24.94 -19.42 26.96
CA ARG C 62 -25.34 -20.76 27.39
C ARG C 62 -25.08 -21.77 26.27
N PHE C 63 -25.27 -21.33 25.03
CA PHE C 63 -25.00 -22.15 23.86
C PHE C 63 -23.54 -22.02 23.45
N SER C 64 -22.90 -23.15 23.17
CA SER C 64 -21.52 -23.16 22.72
C SER C 64 -21.28 -24.33 21.76
N GLY C 65 -20.62 -24.04 20.64
CA GLY C 65 -20.29 -25.05 19.64
C GLY C 65 -18.80 -25.37 19.64
N SER C 66 -18.45 -26.55 19.15
CA SER C 66 -17.05 -26.98 19.09
C SER C 66 -16.88 -28.18 18.16
N GLY C 67 -15.66 -28.39 17.67
CA GLY C 67 -15.33 -29.55 16.85
C GLY C 67 -14.52 -29.22 15.61
N SER C 68 -14.07 -30.26 14.93
CA SER C 68 -13.31 -30.13 13.68
C SER C 68 -13.31 -31.45 12.91
N GLY C 69 -13.12 -31.36 11.59
CA GLY C 69 -13.09 -32.54 10.74
C GLY C 69 -14.45 -33.20 10.59
N THR C 70 -14.63 -34.33 11.27
CA THR C 70 -15.85 -35.13 11.17
C THR C 70 -16.79 -34.97 12.37
N ASP C 71 -16.23 -34.76 13.56
CA ASP C 71 -17.00 -34.67 14.80
C ASP C 71 -17.21 -33.23 15.26
N PHE C 72 -18.47 -32.86 15.48
CA PHE C 72 -18.82 -31.55 16.03
C PHE C 72 -19.84 -31.70 17.14
N THR C 73 -19.84 -30.76 18.09
CA THR C 73 -20.70 -30.86 19.27
C THR C 73 -21.30 -29.51 19.68
N LEU C 74 -22.61 -29.51 19.90
CA LEU C 74 -23.31 -28.35 20.47
C LEU C 74 -23.56 -28.59 21.95
N THR C 75 -23.26 -27.60 22.78
CA THR C 75 -23.38 -27.72 24.23
C THR C 75 -24.25 -26.60 24.81
N ILE C 76 -25.37 -26.99 25.40
CA ILE C 76 -26.23 -26.06 26.13
C ILE C 76 -25.91 -26.21 27.61
N SER C 77 -25.32 -25.17 28.20
CA SER C 77 -24.80 -25.25 29.58
C SER C 77 -25.92 -25.35 30.62
N ARG C 78 -26.79 -24.34 30.68
CA ARG C 78 -27.89 -24.30 31.64
C ARG C 78 -29.22 -24.28 30.90
N LEU C 79 -29.94 -25.41 30.94
CA LEU C 79 -31.20 -25.55 30.21
C LEU C 79 -32.36 -24.84 30.88
N GLU C 80 -32.95 -23.88 30.17
CA GLU C 80 -34.21 -23.25 30.56
C GLU C 80 -35.34 -23.97 29.84
N PRO C 81 -36.60 -23.80 30.30
CA PRO C 81 -37.72 -24.47 29.61
C PRO C 81 -37.95 -23.98 28.18
N GLU C 82 -37.45 -22.78 27.87
CA GLU C 82 -37.48 -22.25 26.51
C GLU C 82 -36.55 -23.00 25.55
N ASP C 83 -35.60 -23.75 26.08
CA ASP C 83 -34.59 -24.43 25.25
C ASP C 83 -35.05 -25.77 24.68
N PHE C 84 -36.09 -26.36 25.24
CA PHE C 84 -36.55 -27.68 24.81
C PHE C 84 -37.21 -27.63 23.42
N ALA C 85 -36.46 -28.03 22.41
CA ALA C 85 -36.90 -28.00 21.02
C ALA C 85 -36.02 -28.93 20.17
N VAL C 86 -36.20 -28.90 18.85
CA VAL C 86 -35.38 -29.69 17.93
C VAL C 86 -34.14 -28.89 17.52
N TYR C 87 -33.01 -29.59 17.43
CA TYR C 87 -31.73 -28.95 17.09
C TYR C 87 -31.07 -29.63 15.89
N TYR C 88 -30.73 -28.84 14.87
CA TYR C 88 -30.12 -29.35 13.65
C TYR C 88 -28.68 -28.85 13.48
N CYS C 89 -27.86 -29.65 12.81
CA CYS C 89 -26.52 -29.22 12.40
C CYS C 89 -26.47 -29.16 10.88
N GLN C 90 -25.68 -28.22 10.35
CA GLN C 90 -25.65 -27.92 8.93
C GLN C 90 -24.22 -27.84 8.41
N GLN C 91 -23.98 -28.33 7.20
CA GLN C 91 -22.70 -28.15 6.53
C GLN C 91 -22.92 -27.30 5.27
N TYR C 92 -22.09 -26.27 5.10
CA TYR C 92 -22.16 -25.40 3.92
C TYR C 92 -20.76 -25.14 3.38
N GLY C 93 -19.91 -26.15 3.48
CA GLY C 93 -18.56 -26.07 2.95
C GLY C 93 -18.50 -26.46 1.49
N SER C 94 -19.51 -27.17 1.01
CA SER C 94 -19.58 -27.57 -0.39
C SER C 94 -21.04 -27.76 -0.78
N SER C 95 -21.30 -27.68 -2.09
CA SER C 95 -22.66 -27.83 -2.60
C SER C 95 -23.05 -29.30 -2.82
N PRO C 96 -24.27 -29.70 -2.42
CA PRO C 96 -25.28 -28.86 -1.77
C PRO C 96 -25.15 -28.92 -0.25
N SER C 97 -25.65 -27.88 0.43
CA SER C 97 -25.70 -27.87 1.90
C SER C 97 -26.64 -28.95 2.41
N THR C 98 -26.16 -29.72 3.39
CA THR C 98 -26.95 -30.81 3.98
C THR C 98 -27.17 -30.57 5.47
N PHE C 99 -28.30 -31.07 5.97
CA PHE C 99 -28.68 -30.93 7.37
C PHE C 99 -28.63 -32.27 8.08
N GLY C 100 -28.54 -32.23 9.41
CA GLY C 100 -28.73 -33.43 10.22
C GLY C 100 -30.20 -33.77 10.30
N GLN C 101 -30.51 -34.92 10.89
CA GLN C 101 -31.89 -35.37 11.02
C GLN C 101 -32.63 -34.68 12.17
N GLY C 102 -31.86 -34.17 13.14
CA GLY C 102 -32.42 -33.42 14.26
C GLY C 102 -32.37 -34.18 15.57
N THR C 103 -32.02 -33.48 16.65
CA THR C 103 -32.05 -34.04 18.00
C THR C 103 -33.10 -33.29 18.83
N LYS C 104 -34.16 -34.00 19.21
CA LYS C 104 -35.22 -33.42 20.04
C LYS C 104 -34.81 -33.41 21.50
N VAL C 105 -34.72 -32.22 22.08
CA VAL C 105 -34.43 -32.07 23.50
C VAL C 105 -35.75 -31.94 24.26
N GLU C 106 -36.01 -32.90 25.16
CA GLU C 106 -37.28 -32.99 25.87
C GLU C 106 -37.13 -32.73 27.37
N ILE C 107 -38.27 -32.61 28.05
CA ILE C 107 -38.30 -32.37 29.50
C ILE C 107 -38.46 -33.68 30.25
N GLN D 3 -31.29 -6.62 11.58
CA GLN D 3 -32.77 -6.61 11.40
C GLN D 3 -33.16 -6.75 9.92
N VAL D 4 -33.71 -7.91 9.57
CA VAL D 4 -34.12 -8.20 8.20
C VAL D 4 -35.44 -8.98 8.20
N GLN D 5 -36.36 -8.58 7.33
CA GLN D 5 -37.63 -9.28 7.17
C GLN D 5 -37.68 -10.00 5.82
N LEU D 6 -38.16 -11.23 5.82
CA LEU D 6 -38.38 -11.99 4.59
C LEU D 6 -39.85 -12.42 4.54
N VAL D 7 -40.64 -11.69 3.76
CA VAL D 7 -42.08 -11.93 3.67
C VAL D 7 -42.39 -12.79 2.44
N GLN D 8 -42.83 -14.03 2.69
CA GLN D 8 -43.15 -14.96 1.62
C GLN D 8 -44.59 -14.83 1.13
N SER D 9 -44.89 -15.48 0.01
CA SER D 9 -46.24 -15.51 -0.56
C SER D 9 -47.14 -16.47 0.22
N GLY D 10 -48.43 -16.47 -0.13
CA GLY D 10 -49.41 -17.32 0.54
C GLY D 10 -49.31 -18.80 0.21
N ALA D 11 -50.10 -19.61 0.91
CA ALA D 11 -50.09 -21.06 0.73
C ALA D 11 -50.71 -21.45 -0.62
N GLU D 12 -50.31 -22.63 -1.12
CA GLU D 12 -50.74 -23.09 -2.44
C GLU D 12 -51.34 -24.50 -2.36
N VAL D 13 -52.50 -24.67 -3.00
CA VAL D 13 -53.15 -25.98 -3.12
C VAL D 13 -53.04 -26.42 -4.58
N LYS D 14 -52.13 -27.35 -4.85
CA LYS D 14 -51.80 -27.73 -6.22
C LYS D 14 -52.20 -29.16 -6.56
N LYS D 15 -52.54 -29.38 -7.83
CA LYS D 15 -52.81 -30.72 -8.35
C LYS D 15 -51.50 -31.33 -8.88
N PRO D 16 -51.35 -32.66 -8.78
CA PRO D 16 -50.14 -33.32 -9.29
C PRO D 16 -49.88 -33.04 -10.77
N GLY D 17 -48.61 -32.77 -11.10
CA GLY D 17 -48.22 -32.46 -12.48
C GLY D 17 -48.06 -30.97 -12.74
N SER D 18 -48.75 -30.14 -11.96
CA SER D 18 -48.69 -28.69 -12.10
C SER D 18 -47.37 -28.13 -11.55
N SER D 19 -47.23 -26.80 -11.59
CA SER D 19 -46.04 -26.13 -11.06
C SER D 19 -46.44 -24.95 -10.16
N VAL D 20 -45.58 -24.63 -9.20
CA VAL D 20 -45.84 -23.59 -8.22
C VAL D 20 -44.68 -22.58 -8.19
N LYS D 21 -45.01 -21.30 -8.02
CA LYS D 21 -44.01 -20.23 -7.92
C LYS D 21 -44.17 -19.50 -6.59
N VAL D 22 -43.26 -19.77 -5.66
CA VAL D 22 -43.26 -19.12 -4.35
C VAL D 22 -42.28 -17.96 -4.36
N SER D 23 -42.67 -16.84 -3.74
CA SER D 23 -41.85 -15.63 -3.73
C SER D 23 -41.41 -15.26 -2.31
N CYS D 24 -40.24 -14.64 -2.22
CA CYS D 24 -39.69 -14.16 -0.95
C CYS D 24 -39.30 -12.69 -1.08
N LYS D 25 -40.00 -11.81 -0.36
CA LYS D 25 -39.78 -10.37 -0.43
C LYS D 25 -38.86 -9.91 0.70
N ALA D 26 -37.66 -9.43 0.34
CA ALA D 26 -36.66 -9.00 1.32
C ALA D 26 -36.83 -7.55 1.71
N SER D 27 -36.50 -7.24 2.97
CA SER D 27 -36.60 -5.90 3.53
C SER D 27 -35.64 -5.73 4.72
N GLY D 28 -35.26 -4.49 5.02
CA GLY D 28 -34.44 -4.19 6.19
C GLY D 28 -32.94 -4.21 5.99
N GLY D 29 -32.49 -4.63 4.81
CA GLY D 29 -31.06 -4.67 4.49
C GLY D 29 -30.79 -4.67 3.00
N THR D 30 -29.49 -4.72 2.65
CA THR D 30 -29.08 -4.79 1.25
C THR D 30 -29.52 -6.12 0.65
N PHE D 31 -30.03 -6.09 -0.57
CA PHE D 31 -30.61 -7.26 -1.22
C PHE D 31 -29.61 -7.97 -2.13
N SER D 32 -28.95 -7.21 -3.00
CA SER D 32 -28.12 -7.77 -4.06
C SER D 32 -26.80 -8.37 -3.58
N SER D 33 -26.33 -7.94 -2.42
CA SER D 33 -24.99 -8.31 -1.94
C SER D 33 -24.94 -9.54 -1.04
N TYR D 34 -26.06 -10.27 -0.91
CA TYR D 34 -26.13 -11.41 0.00
C TYR D 34 -26.87 -12.62 -0.58
N ALA D 35 -26.46 -13.81 -0.15
CA ALA D 35 -27.00 -15.06 -0.67
C ALA D 35 -28.37 -15.35 -0.05
N ILE D 36 -29.33 -15.67 -0.92
CA ILE D 36 -30.68 -16.04 -0.50
C ILE D 36 -30.93 -17.49 -0.87
N SER D 37 -31.13 -18.34 0.14
CA SER D 37 -31.33 -19.77 -0.06
C SER D 37 -32.79 -20.16 0.06
N TRP D 38 -33.12 -21.34 -0.45
CA TRP D 38 -34.46 -21.92 -0.31
C TRP D 38 -34.37 -23.29 0.35
N VAL D 39 -35.01 -23.43 1.51
CA VAL D 39 -34.95 -24.66 2.31
C VAL D 39 -36.36 -25.23 2.48
N ARG D 40 -36.48 -26.55 2.35
CA ARG D 40 -37.77 -27.23 2.43
C ARG D 40 -37.86 -28.08 3.70
N GLN D 41 -39.09 -28.33 4.15
CA GLN D 41 -39.34 -29.20 5.30
C GLN D 41 -40.70 -29.89 5.17
N ALA D 42 -40.68 -31.22 5.05
CA ALA D 42 -41.92 -32.00 4.98
C ALA D 42 -42.58 -32.03 6.38
N PRO D 43 -43.93 -32.19 6.43
CA PRO D 43 -44.75 -31.96 7.64
C PRO D 43 -44.20 -32.42 9.01
N GLY D 44 -43.58 -33.59 9.07
CA GLY D 44 -42.99 -34.09 10.33
C GLY D 44 -41.55 -34.51 10.15
N GLN D 45 -40.82 -33.79 9.29
CA GLN D 45 -39.47 -34.18 8.86
C GLN D 45 -38.44 -33.07 9.10
N GLY D 46 -37.21 -33.30 8.66
CA GLY D 46 -36.11 -32.35 8.84
C GLY D 46 -35.94 -31.36 7.69
N LEU D 47 -34.89 -30.56 7.79
CA LEU D 47 -34.63 -29.49 6.82
C LEU D 47 -33.89 -30.01 5.59
N GLU D 48 -34.12 -29.34 4.45
CA GLU D 48 -33.59 -29.80 3.16
C GLU D 48 -33.29 -28.62 2.24
N TRP D 49 -32.01 -28.41 1.94
CA TRP D 49 -31.56 -27.30 1.09
C TRP D 49 -31.84 -27.60 -0.39
N MET D 50 -32.68 -26.76 -1.00
CA MET D 50 -33.02 -26.91 -2.42
C MET D 50 -32.01 -26.19 -3.30
N GLY D 51 -31.69 -24.96 -2.93
CA GLY D 51 -30.78 -24.12 -3.71
C GLY D 51 -30.73 -22.70 -3.21
N GLY D 52 -29.97 -21.85 -3.89
CA GLY D 52 -29.86 -20.44 -3.52
C GLY D 52 -29.35 -19.56 -4.64
N ILE D 53 -29.46 -18.24 -4.43
CA ILE D 53 -29.04 -17.26 -5.43
C ILE D 53 -28.40 -16.04 -4.78
N ILE D 54 -27.31 -15.55 -5.39
CA ILE D 54 -26.67 -14.29 -5.00
C ILE D 54 -27.09 -13.26 -6.05
N PRO D 55 -28.01 -12.34 -5.70
CA PRO D 55 -28.66 -11.51 -6.72
C PRO D 55 -27.77 -10.56 -7.54
N ILE D 56 -26.69 -10.04 -6.98
CA ILE D 56 -25.77 -9.18 -7.78
C ILE D 56 -25.16 -9.98 -8.93
N PHE D 57 -24.69 -11.18 -8.63
CA PHE D 57 -24.29 -12.13 -9.65
C PHE D 57 -25.56 -12.76 -10.19
N GLY D 58 -25.45 -13.41 -11.34
CA GLY D 58 -26.63 -13.90 -12.03
C GLY D 58 -27.21 -15.20 -11.51
N THR D 59 -26.45 -16.28 -11.71
CA THR D 59 -26.96 -17.66 -11.66
C THR D 59 -27.18 -18.26 -10.26
N ALA D 60 -28.22 -19.09 -10.15
CA ALA D 60 -28.53 -19.87 -8.93
C ALA D 60 -27.67 -21.11 -8.77
N ASN D 61 -27.49 -21.52 -7.52
CA ASN D 61 -26.83 -22.78 -7.19
C ASN D 61 -27.87 -23.82 -6.79
N TYR D 62 -27.81 -25.00 -7.39
CA TYR D 62 -28.83 -26.03 -7.20
C TYR D 62 -28.27 -27.31 -6.60
N ALA D 63 -29.10 -27.96 -5.79
CA ALA D 63 -28.80 -29.31 -5.30
C ALA D 63 -29.19 -30.30 -6.39
N GLN D 64 -28.34 -31.30 -6.61
CA GLN D 64 -28.47 -32.22 -7.76
C GLN D 64 -29.84 -32.91 -7.84
N LYS D 65 -30.46 -33.17 -6.69
CA LYS D 65 -31.77 -33.81 -6.63
C LYS D 65 -32.87 -32.95 -7.24
N PHE D 66 -32.75 -31.63 -7.09
CA PHE D 66 -33.76 -30.69 -7.59
C PHE D 66 -33.40 -30.10 -8.96
N GLN D 67 -32.14 -30.24 -9.37
CA GLN D 67 -31.68 -29.73 -10.66
C GLN D 67 -32.47 -30.38 -11.79
N GLY D 68 -33.23 -29.56 -12.51
CA GLY D 68 -34.07 -30.04 -13.62
C GLY D 68 -35.52 -29.59 -13.53
N ARG D 69 -36.01 -29.37 -12.32
CA ARG D 69 -37.38 -28.88 -12.13
C ARG D 69 -37.55 -27.77 -11.09
N VAL D 70 -36.46 -27.28 -10.51
CA VAL D 70 -36.49 -26.12 -9.62
C VAL D 70 -35.81 -24.94 -10.30
N THR D 71 -36.47 -23.78 -10.27
CA THR D 71 -35.93 -22.55 -10.87
C THR D 71 -35.92 -21.44 -9.83
N ILE D 72 -34.74 -21.02 -9.43
CA ILE D 72 -34.57 -19.95 -8.45
C ILE D 72 -34.07 -18.69 -9.14
N THR D 73 -34.80 -17.60 -8.97
CA THR D 73 -34.44 -16.31 -9.55
C THR D 73 -34.55 -15.21 -8.51
N ALA D 74 -33.98 -14.04 -8.84
CA ALA D 74 -34.01 -12.89 -7.95
C ALA D 74 -34.27 -11.62 -8.75
N ASP D 75 -35.28 -10.85 -8.32
CA ASP D 75 -35.61 -9.59 -8.96
C ASP D 75 -34.96 -8.46 -8.18
N LYS D 76 -33.91 -7.88 -8.76
CA LYS D 76 -33.20 -6.75 -8.14
C LYS D 76 -34.10 -5.52 -7.99
N SER D 77 -35.03 -5.35 -8.93
CA SER D 77 -35.88 -4.17 -8.99
C SER D 77 -37.07 -4.19 -8.02
N THR D 78 -37.31 -5.32 -7.36
CA THR D 78 -38.34 -5.41 -6.31
C THR D 78 -37.84 -6.08 -5.03
N SER D 79 -36.55 -6.43 -4.99
CA SER D 79 -35.95 -7.14 -3.85
C SER D 79 -36.74 -8.41 -3.48
N THR D 80 -37.13 -9.17 -4.50
CA THR D 80 -37.93 -10.37 -4.32
C THR D 80 -37.26 -11.57 -4.97
N ALA D 81 -37.03 -12.62 -4.18
CA ALA D 81 -36.49 -13.88 -4.68
C ALA D 81 -37.63 -14.86 -4.93
N TYR D 82 -37.48 -15.71 -5.93
CA TYR D 82 -38.52 -16.68 -6.29
C TYR D 82 -37.99 -18.10 -6.35
N MET D 83 -38.88 -19.07 -6.11
CA MET D 83 -38.57 -20.48 -6.28
C MET D 83 -39.72 -21.14 -7.02
N GLU D 84 -39.44 -21.66 -8.22
CA GLU D 84 -40.45 -22.33 -9.03
C GLU D 84 -40.14 -23.81 -9.14
N LEU D 85 -41.02 -24.65 -8.58
CA LEU D 85 -40.85 -26.09 -8.64
C LEU D 85 -41.87 -26.70 -9.62
N SER D 86 -41.36 -27.37 -10.65
CA SER D 86 -42.21 -27.94 -11.71
C SER D 86 -42.45 -29.44 -11.51
N SER D 87 -43.45 -29.95 -12.22
CA SER D 87 -43.83 -31.38 -12.13
C SER D 87 -44.04 -31.81 -10.68
N LEU D 88 -45.04 -31.22 -10.04
CA LEU D 88 -45.30 -31.44 -8.62
C LEU D 88 -45.78 -32.85 -8.32
N ARG D 89 -45.01 -33.57 -7.50
CA ARG D 89 -45.37 -34.90 -7.02
C ARG D 89 -46.00 -34.76 -5.63
N SER D 90 -46.60 -35.83 -5.14
CA SER D 90 -47.17 -35.86 -3.79
C SER D 90 -46.08 -35.73 -2.72
N GLU D 91 -44.88 -36.22 -3.06
CA GLU D 91 -43.69 -36.06 -2.22
C GLU D 91 -43.34 -34.60 -1.94
N ASP D 92 -43.63 -33.73 -2.89
CA ASP D 92 -43.29 -32.30 -2.79
C ASP D 92 -44.14 -31.52 -1.78
N THR D 93 -45.14 -32.17 -1.18
CA THR D 93 -45.95 -31.56 -0.13
C THR D 93 -45.10 -31.21 1.09
N ALA D 94 -44.83 -29.92 1.28
CA ALA D 94 -43.98 -29.45 2.37
C ALA D 94 -44.09 -27.94 2.60
N VAL D 95 -43.49 -27.48 3.70
CA VAL D 95 -43.37 -26.04 3.99
C VAL D 95 -42.06 -25.55 3.40
N TYR D 96 -42.14 -24.55 2.52
CA TYR D 96 -40.97 -24.01 1.82
C TYR D 96 -40.54 -22.68 2.44
N TYR D 97 -39.29 -22.64 2.91
CA TYR D 97 -38.73 -21.43 3.49
C TYR D 97 -37.72 -20.79 2.54
N CYS D 98 -37.73 -19.46 2.50
CA CYS D 98 -36.62 -18.70 1.95
C CYS D 98 -35.77 -18.26 3.14
N ALA D 99 -34.46 -18.36 2.99
CA ALA D 99 -33.54 -18.02 4.07
C ALA D 99 -32.35 -17.23 3.54
N ARG D 100 -32.02 -16.15 4.25
CA ARG D 100 -30.93 -15.27 3.87
C ARG D 100 -29.81 -15.38 4.90
N GLU D 101 -28.57 -15.44 4.41
CA GLU D 101 -27.41 -15.54 5.30
C GLU D 101 -27.31 -14.32 6.23
N GLY D 102 -26.56 -14.47 7.32
CA GLY D 102 -26.39 -13.40 8.29
C GLY D 102 -25.19 -12.52 7.95
N THR D 103 -24.96 -11.53 8.80
CA THR D 103 -23.75 -10.70 8.72
C THR D 103 -23.00 -10.76 10.06
N THR D 104 -21.69 -10.99 10.01
CA THR D 104 -20.89 -11.10 11.23
C THR D 104 -20.76 -9.75 11.95
N GLY D 105 -21.81 -9.39 12.68
CA GLY D 105 -21.83 -8.12 13.40
C GLY D 105 -23.22 -7.65 13.73
N TRP D 106 -23.31 -6.55 14.47
CA TRP D 106 -24.57 -5.96 14.85
C TRP D 106 -25.24 -5.28 13.66
N GLY D 107 -26.57 -5.42 13.58
CA GLY D 107 -27.38 -4.71 12.60
C GLY D 107 -27.06 -5.08 11.16
N TRP D 108 -26.53 -4.11 10.42
CA TRP D 108 -26.21 -4.27 9.00
C TRP D 108 -24.69 -4.37 8.78
N LEU D 109 -23.94 -4.41 9.88
CA LEU D 109 -22.49 -4.28 9.83
C LEU D 109 -21.80 -5.63 9.73
N GLY D 110 -20.62 -5.63 9.09
CA GLY D 110 -19.75 -6.81 9.04
C GLY D 110 -19.90 -7.63 7.78
N LYS D 111 -19.03 -8.63 7.66
CA LYS D 111 -19.03 -9.53 6.51
C LYS D 111 -20.18 -10.54 6.61
N PRO D 112 -20.44 -11.28 5.51
CA PRO D 112 -21.47 -12.33 5.55
C PRO D 112 -20.96 -13.60 6.24
N ILE D 113 -21.86 -14.35 6.86
CA ILE D 113 -21.47 -15.55 7.63
C ILE D 113 -21.81 -16.88 6.94
N GLY D 114 -22.71 -16.85 5.95
CA GLY D 114 -23.09 -18.06 5.21
C GLY D 114 -24.28 -18.78 5.82
N ALA D 115 -24.23 -19.01 7.13
CA ALA D 115 -25.33 -19.65 7.85
C ALA D 115 -26.57 -18.78 7.85
N PHE D 116 -27.74 -19.41 7.76
CA PHE D 116 -28.99 -18.69 7.53
C PHE D 116 -29.54 -18.11 8.83
N GLN D 117 -29.27 -16.83 9.07
CA GLN D 117 -29.69 -16.14 10.28
C GLN D 117 -31.15 -15.65 10.19
N HIS D 118 -31.59 -15.32 8.97
CA HIS D 118 -32.93 -14.79 8.75
C HIS D 118 -33.77 -15.77 7.94
N TRP D 119 -35.03 -15.92 8.32
CA TRP D 119 -35.93 -16.89 7.70
C TRP D 119 -37.29 -16.25 7.38
N GLY D 120 -37.96 -16.78 6.36
CA GLY D 120 -39.31 -16.37 6.02
C GLY D 120 -40.32 -17.01 6.95
N GLN D 121 -41.59 -16.63 6.81
CA GLN D 121 -42.65 -17.22 7.64
C GLN D 121 -42.96 -18.66 7.23
N GLY D 122 -42.65 -19.01 5.98
CA GLY D 122 -42.87 -20.35 5.46
C GLY D 122 -44.08 -20.40 4.54
N THR D 123 -43.93 -21.10 3.41
CA THR D 123 -45.01 -21.25 2.44
C THR D 123 -45.37 -22.73 2.31
N LEU D 124 -46.58 -23.08 2.75
CA LEU D 124 -47.06 -24.45 2.69
C LEU D 124 -47.60 -24.77 1.30
N VAL D 125 -47.00 -25.78 0.65
CA VAL D 125 -47.45 -26.27 -0.65
C VAL D 125 -47.92 -27.71 -0.48
N THR D 126 -49.17 -27.98 -0.85
CA THR D 126 -49.73 -29.33 -0.79
C THR D 126 -50.11 -29.83 -2.18
N VAL D 127 -49.71 -31.06 -2.49
CA VAL D 127 -49.97 -31.67 -3.79
C VAL D 127 -50.93 -32.84 -3.63
N SER D 128 -52.14 -32.71 -4.17
CA SER D 128 -53.14 -33.76 -4.09
C SER D 128 -54.25 -33.54 -5.13
N SER D 129 -54.68 -34.63 -5.76
CA SER D 129 -55.72 -34.55 -6.79
C SER D 129 -57.10 -34.62 -6.17
N GLU E 1 34.03 3.21 3.28
CA GLU E 1 32.62 3.68 3.42
C GLU E 1 32.00 3.22 4.74
N ILE E 2 31.04 4.00 5.24
CA ILE E 2 30.38 3.68 6.51
C ILE E 2 29.21 2.72 6.28
N VAL E 3 29.27 1.56 6.93
CA VAL E 3 28.21 0.56 6.83
C VAL E 3 27.24 0.72 8.00
N LEU E 4 25.94 0.72 7.70
CA LEU E 4 24.90 0.78 8.72
C LEU E 4 24.22 -0.58 8.83
N THR E 5 24.38 -1.23 10.00
CA THR E 5 23.75 -2.52 10.26
C THR E 5 22.53 -2.31 11.17
N GLN E 6 21.35 -2.62 10.66
CA GLN E 6 20.11 -2.49 11.42
C GLN E 6 19.76 -3.78 12.14
N SER E 7 19.04 -3.65 13.25
CA SER E 7 18.60 -4.80 14.03
C SER E 7 17.32 -4.44 14.79
N PRO E 8 16.33 -5.35 14.82
CA PRO E 8 16.30 -6.68 14.18
C PRO E 8 16.16 -6.64 12.65
N GLY E 9 16.17 -7.81 12.02
CA GLY E 9 15.94 -7.93 10.58
C GLY E 9 14.46 -7.88 10.26
N THR E 10 13.67 -8.58 11.07
CA THR E 10 12.21 -8.58 10.98
C THR E 10 11.63 -8.62 12.40
N LEU E 11 10.50 -7.95 12.59
CA LEU E 11 9.88 -7.84 13.91
C LEU E 11 8.36 -7.92 13.81
N SER E 12 7.78 -8.98 14.37
CA SER E 12 6.33 -9.15 14.37
C SER E 12 5.73 -8.70 15.69
N LEU E 13 4.94 -7.64 15.66
CA LEU E 13 4.30 -7.05 16.84
C LEU E 13 2.79 -6.94 16.64
N SER E 14 2.05 -7.06 17.74
CA SER E 14 0.61 -6.82 17.73
C SER E 14 0.37 -5.32 17.92
N PRO E 15 -0.70 -4.78 17.31
CA PRO E 15 -0.99 -3.33 17.42
C PRO E 15 -1.07 -2.83 18.87
N GLY E 16 -0.60 -1.60 19.09
CA GLY E 16 -0.59 -0.99 20.43
C GLY E 16 0.72 -1.17 21.18
N GLU E 17 1.61 -2.02 20.65
CA GLU E 17 2.89 -2.33 21.29
C GLU E 17 3.98 -1.34 20.90
N ARG E 18 5.10 -1.41 21.61
CA ARG E 18 6.26 -0.55 21.34
C ARG E 18 7.30 -1.32 20.53
N ALA E 19 7.66 -0.77 19.37
CA ALA E 19 8.71 -1.33 18.53
C ALA E 19 9.99 -0.54 18.71
N THR E 20 11.09 -1.24 18.98
CA THR E 20 12.41 -0.60 19.13
C THR E 20 13.35 -1.11 18.04
N LEU E 21 13.72 -0.22 17.14
CA LEU E 21 14.60 -0.54 16.02
C LEU E 21 15.97 0.06 16.28
N SER E 22 17.03 -0.64 15.84
CA SER E 22 18.40 -0.20 16.06
C SER E 22 19.13 0.05 14.73
N CYS E 23 20.10 0.95 14.76
CA CYS E 23 20.96 1.23 13.60
C CYS E 23 22.40 1.39 14.05
N ARG E 24 23.20 0.33 13.88
CA ARG E 24 24.60 0.33 14.30
C ARG E 24 25.49 0.79 13.14
N ALA E 25 26.36 1.76 13.40
CA ALA E 25 27.25 2.30 12.39
C ALA E 25 28.64 1.69 12.52
N SER E 26 29.33 1.54 11.39
CA SER E 26 30.71 1.06 11.38
C SER E 26 31.65 2.07 12.04
N GLN E 27 31.28 3.36 11.96
CA GLN E 27 32.09 4.43 12.54
C GLN E 27 31.20 5.47 13.23
N SER E 28 31.83 6.38 13.96
CA SER E 28 31.12 7.44 14.67
C SER E 28 30.58 8.47 13.67
N VAL E 29 29.26 8.63 13.66
CA VAL E 29 28.59 9.66 12.87
C VAL E 29 28.07 10.72 13.84
N SER E 30 28.30 11.99 13.54
CA SER E 30 27.78 13.08 14.36
C SER E 30 26.26 12.99 14.40
N SER E 31 25.66 13.14 15.59
CA SER E 31 24.22 12.98 15.78
C SER E 31 23.38 13.79 14.78
N SER E 32 23.94 14.89 14.28
CA SER E 32 23.23 15.75 13.33
C SER E 32 23.07 15.18 11.92
N TYR E 33 23.69 14.03 11.63
CA TYR E 33 23.68 13.46 10.28
C TYR E 33 23.16 12.03 10.21
N LEU E 34 22.00 11.79 10.83
CA LEU E 34 21.36 10.47 10.74
C LEU E 34 19.84 10.60 10.65
N ALA E 35 19.24 9.89 9.69
CA ALA E 35 17.82 9.99 9.42
C ALA E 35 17.16 8.60 9.38
N TRP E 36 15.85 8.58 9.63
CA TRP E 36 15.06 7.36 9.60
C TRP E 36 13.94 7.48 8.57
N TYR E 37 13.68 6.39 7.85
CA TYR E 37 12.67 6.38 6.80
C TYR E 37 11.67 5.23 6.99
N GLN E 38 10.44 5.45 6.52
CA GLN E 38 9.41 4.42 6.46
C GLN E 38 9.05 4.20 5.00
N GLN E 39 8.96 2.94 4.59
CA GLN E 39 8.58 2.62 3.22
C GLN E 39 7.59 1.46 3.17
N LYS E 40 6.37 1.76 2.72
CA LYS E 40 5.36 0.75 2.46
C LYS E 40 5.55 0.21 1.05
N PRO E 41 5.01 -0.99 0.76
CA PRO E 41 5.16 -1.56 -0.59
C PRO E 41 4.57 -0.70 -1.70
N GLY E 42 5.31 -0.55 -2.80
CA GLY E 42 4.85 0.23 -3.94
C GLY E 42 4.81 1.72 -3.72
N GLN E 43 5.73 2.23 -2.90
CA GLN E 43 5.78 3.65 -2.56
C GLN E 43 7.22 4.12 -2.38
N ALA E 44 7.39 5.43 -2.34
CA ALA E 44 8.68 6.06 -2.06
C ALA E 44 8.89 6.11 -0.55
N PRO E 45 10.16 6.15 -0.09
CA PRO E 45 10.44 6.31 1.34
C PRO E 45 9.85 7.60 1.93
N ARG E 46 9.46 7.52 3.20
CA ARG E 46 8.89 8.65 3.93
C ARG E 46 9.81 9.02 5.07
N LEU E 47 10.22 10.29 5.13
CA LEU E 47 11.13 10.76 6.18
C LEU E 47 10.42 10.84 7.52
N LEU E 48 10.99 10.18 8.53
CA LEU E 48 10.45 10.22 9.90
C LEU E 48 11.29 11.17 10.75
N ILE E 49 12.58 10.87 10.85
CA ILE E 49 13.52 11.59 11.69
C ILE E 49 14.69 12.09 10.83
N TYR E 50 15.28 13.23 11.20
CA TYR E 50 16.42 13.78 10.44
C TYR E 50 17.64 14.15 11.29
N GLY E 51 17.43 14.70 12.48
CA GLY E 51 18.54 15.12 13.34
C GLY E 51 18.90 14.06 14.38
N ALA E 52 18.72 12.79 14.03
CA ALA E 52 18.77 11.67 14.98
C ALA E 52 17.61 11.69 15.97
N SER E 53 17.30 12.88 16.49
CA SER E 53 16.17 13.09 17.40
C SER E 53 15.02 13.87 16.76
N SER E 54 15.34 14.81 15.88
CA SER E 54 14.35 15.76 15.34
C SER E 54 13.35 15.13 14.38
N ARG E 55 12.08 15.52 14.52
CA ARG E 55 10.98 14.98 13.71
C ARG E 55 10.75 15.77 12.43
N ALA E 56 10.49 15.07 11.33
CA ALA E 56 10.09 15.70 10.07
C ALA E 56 8.68 16.28 10.21
N THR E 57 8.34 17.20 9.30
CA THR E 57 7.05 17.89 9.36
C THR E 57 5.89 16.93 9.13
N GLY E 58 4.91 16.97 10.03
CA GLY E 58 3.70 16.15 9.92
C GLY E 58 3.80 14.76 10.53
N ILE E 59 4.98 14.37 10.97
CA ILE E 59 5.20 13.05 11.57
C ILE E 59 4.74 13.10 13.03
N PRO E 60 3.89 12.12 13.45
CA PRO E 60 3.36 12.12 14.83
C PRO E 60 4.42 11.97 15.92
N ASP E 61 4.03 12.21 17.17
CA ASP E 61 4.93 12.05 18.32
C ASP E 61 5.06 10.59 18.77
N ARG E 62 4.39 9.68 18.05
CA ARG E 62 4.53 8.24 18.27
C ARG E 62 5.93 7.78 17.87
N PHE E 63 6.46 8.39 16.81
CA PHE E 63 7.83 8.12 16.35
C PHE E 63 8.82 8.99 17.11
N SER E 64 9.91 8.37 17.56
CA SER E 64 10.97 9.10 18.24
C SER E 64 12.32 8.45 17.97
N GLY E 65 13.31 9.28 17.63
CA GLY E 65 14.67 8.82 17.37
C GLY E 65 15.60 9.20 18.50
N SER E 66 16.70 8.47 18.62
CA SER E 66 17.70 8.74 19.65
C SER E 66 19.02 8.03 19.35
N GLY E 67 20.10 8.54 19.93
CA GLY E 67 21.42 7.91 19.81
C GLY E 67 22.54 8.88 19.51
N SER E 68 23.76 8.36 19.54
CA SER E 68 24.95 9.14 19.23
C SER E 68 26.13 8.21 18.94
N GLY E 69 27.10 8.71 18.18
CA GLY E 69 28.28 7.94 17.82
C GLY E 69 27.97 6.80 16.87
N THR E 70 27.96 5.57 17.39
CA THR E 70 27.76 4.37 16.58
C THR E 70 26.36 3.78 16.68
N ASP E 71 25.73 3.90 17.86
CA ASP E 71 24.43 3.30 18.11
C ASP E 71 23.30 4.33 18.02
N PHE E 72 22.29 4.02 17.21
CA PHE E 72 21.09 4.85 17.09
C PHE E 72 19.85 3.96 17.14
N THR E 73 18.74 4.52 17.62
CA THR E 73 17.51 3.75 17.81
C THR E 73 16.25 4.53 17.43
N LEU E 74 15.39 3.89 16.63
CA LEU E 74 14.07 4.43 16.31
C LEU E 74 13.04 3.72 17.18
N THR E 75 12.14 4.50 17.80
CA THR E 75 11.14 3.97 18.72
C THR E 75 9.74 4.39 18.29
N ILE E 76 8.92 3.41 17.95
CA ILE E 76 7.49 3.63 17.67
C ILE E 76 6.72 3.26 18.94
N SER E 77 6.11 4.25 19.57
CA SER E 77 5.47 4.06 20.88
C SER E 77 4.22 3.19 20.80
N ARG E 78 3.23 3.66 20.06
CA ARG E 78 1.96 2.95 19.91
C ARG E 78 1.74 2.55 18.45
N LEU E 79 1.88 1.27 18.16
CA LEU E 79 1.79 0.77 16.79
C LEU E 79 0.35 0.68 16.29
N GLU E 80 0.06 1.42 15.23
CA GLU E 80 -1.19 1.28 14.48
C GLU E 80 -0.93 0.34 13.30
N PRO E 81 -2.00 -0.21 12.68
CA PRO E 81 -1.79 -1.10 11.54
C PRO E 81 -1.17 -0.40 10.31
N GLU E 82 -1.30 0.93 10.27
CA GLU E 82 -0.65 1.75 9.25
C GLU E 82 0.88 1.78 9.38
N ASP E 83 1.40 1.42 10.55
CA ASP E 83 2.84 1.51 10.82
C ASP E 83 3.65 0.31 10.34
N PHE E 84 2.99 -0.82 10.06
CA PHE E 84 3.69 -2.03 9.66
C PHE E 84 4.25 -1.94 8.25
N ALA E 85 5.55 -1.66 8.17
CA ALA E 85 6.26 -1.48 6.89
C ALA E 85 7.76 -1.65 7.11
N VAL E 86 8.56 -1.36 6.08
CA VAL E 86 10.02 -1.44 6.17
C VAL E 86 10.59 -0.10 6.65
N TYR E 87 11.59 -0.16 7.53
CA TYR E 87 12.20 1.04 8.10
C TYR E 87 13.71 1.05 7.88
N TYR E 88 14.21 2.15 7.30
CA TYR E 88 15.64 2.30 7.01
C TYR E 88 16.27 3.41 7.83
N CYS E 89 17.56 3.26 8.12
CA CYS E 89 18.36 4.32 8.73
C CYS E 89 19.40 4.80 7.72
N GLN E 90 19.73 6.08 7.78
CA GLN E 90 20.59 6.72 6.78
C GLN E 90 21.67 7.56 7.44
N GLN E 91 22.86 7.56 6.86
CA GLN E 91 23.94 8.46 7.30
C GLN E 91 24.29 9.39 6.15
N TYR E 92 24.38 10.69 6.45
CA TYR E 92 24.74 11.69 5.44
C TYR E 92 25.85 12.65 5.89
N GLY E 93 26.97 12.10 6.39
CA GLY E 93 28.14 12.86 6.81
C GLY E 93 29.33 12.72 5.87
N SER E 94 29.80 11.48 5.72
CA SER E 94 30.91 11.14 4.85
C SER E 94 30.35 10.51 3.57
N SER E 95 30.72 11.07 2.41
CA SER E 95 30.19 10.60 1.13
C SER E 95 30.70 9.19 0.81
N PRO E 96 29.86 8.34 0.21
CA PRO E 96 28.47 8.60 -0.16
C PRO E 96 27.51 8.23 0.97
N SER E 97 26.33 8.85 0.97
CA SER E 97 25.31 8.51 1.96
C SER E 97 24.98 7.03 1.85
N THR E 98 24.97 6.34 2.99
CA THR E 98 24.72 4.91 3.02
C THR E 98 23.44 4.64 3.81
N PHE E 99 22.74 3.58 3.42
CA PHE E 99 21.51 3.18 4.08
C PHE E 99 21.70 1.87 4.81
N GLY E 100 20.82 1.61 5.77
CA GLY E 100 20.73 0.29 6.39
C GLY E 100 20.06 -0.69 5.44
N GLN E 101 20.05 -1.96 5.80
CA GLN E 101 19.44 -3.00 4.96
C GLN E 101 17.91 -3.02 5.11
N GLY E 102 17.41 -2.48 6.22
CA GLY E 102 15.97 -2.38 6.45
C GLY E 102 15.45 -3.34 7.51
N THR E 103 14.55 -2.86 8.36
CA THR E 103 13.87 -3.70 9.34
C THR E 103 12.39 -3.74 9.02
N LYS E 104 11.90 -4.92 8.65
CA LYS E 104 10.49 -5.11 8.34
C LYS E 104 9.69 -5.30 9.62
N VAL E 105 8.77 -4.38 9.90
CA VAL E 105 7.87 -4.50 11.04
C VAL E 105 6.58 -5.18 10.58
N GLU E 106 6.29 -6.34 11.17
CA GLU E 106 5.16 -7.19 10.77
C GLU E 106 4.08 -7.29 11.86
N ILE E 107 2.97 -7.94 11.51
CA ILE E 107 1.79 -8.04 12.39
C ILE E 107 1.69 -9.41 13.06
N LYS E 108 1.08 -9.44 14.24
CA LYS E 108 0.79 -10.68 14.96
C LYS E 108 -0.46 -10.52 15.83
N ARG E 109 -1.09 -11.65 16.17
CA ARG E 109 -2.30 -11.65 16.99
C ARG E 109 -1.97 -11.39 18.46
N ALA F 8 23.02 25.78 13.57
CA ALA F 8 23.22 26.48 12.26
C ALA F 8 24.54 26.07 11.60
N MET F 9 25.15 26.97 10.82
CA MET F 9 26.37 26.67 10.08
C MET F 9 27.59 26.59 10.99
N GLN F 10 27.87 25.39 11.51
CA GLN F 10 29.06 25.14 12.34
C GLN F 10 29.92 24.00 11.76
N GLY F 11 31.04 23.76 12.44
CA GLY F 11 32.08 22.86 11.93
C GLY F 11 32.93 23.55 10.88
N ILE F 12 32.86 24.88 10.85
CA ILE F 12 33.57 25.72 9.88
C ILE F 12 34.68 26.48 10.60
N HIS F 13 35.90 26.35 10.06
CA HIS F 13 37.07 27.00 10.63
C HIS F 13 37.22 28.39 10.03
N PHE F 14 37.43 29.37 10.90
CA PHE F 14 37.59 30.74 10.47
C PHE F 14 38.51 31.49 11.43
N ARG F 15 39.56 32.09 10.88
CA ARG F 15 40.59 32.77 11.66
C ARG F 15 40.76 34.20 11.16
N ARG F 16 41.54 34.98 11.90
CA ARG F 16 41.85 36.36 11.53
C ARG F 16 42.71 36.41 10.27
N HIS F 17 43.54 35.38 10.07
CA HIS F 17 44.40 35.30 8.90
C HIS F 17 43.70 34.76 7.64
N TYR F 18 42.37 34.63 7.71
CA TYR F 18 41.56 34.28 6.54
C TYR F 18 40.81 35.49 5.99
N VAL F 19 41.18 36.69 6.44
CA VAL F 19 40.56 37.93 5.98
C VAL F 19 41.64 38.81 5.34
N ARG F 20 41.38 39.28 4.12
CA ARG F 20 42.35 40.07 3.36
C ARG F 20 41.70 41.18 2.55
N HIS F 21 42.41 42.29 2.40
CA HIS F 21 42.07 43.33 1.42
C HIS F 21 43.03 43.25 0.25
N LEU F 22 42.47 43.29 -0.96
CA LEU F 22 43.26 43.24 -2.20
C LEU F 22 43.21 44.56 -2.97
N PRO F 23 44.35 44.96 -3.57
CA PRO F 23 44.41 46.22 -4.32
C PRO F 23 43.64 46.18 -5.63
N LYS F 24 43.56 47.31 -6.33
CA LYS F 24 42.81 47.39 -7.59
C LYS F 24 43.48 46.69 -8.78
N GLU F 25 44.75 46.31 -8.61
CA GLU F 25 45.53 45.71 -9.69
C GLU F 25 45.39 44.19 -9.82
N VAL F 26 44.68 43.53 -8.89
CA VAL F 26 44.47 42.08 -8.95
C VAL F 26 43.41 41.70 -9.98
N SER F 27 43.59 40.53 -10.59
CA SER F 27 42.58 39.91 -11.42
C SER F 27 41.90 38.80 -10.61
N GLN F 28 40.85 38.22 -11.19
CA GLN F 28 40.09 37.16 -10.51
C GLN F 28 40.93 35.93 -10.15
N ASN F 29 41.82 35.53 -11.05
CA ASN F 29 42.77 34.44 -10.77
C ASN F 29 43.74 34.79 -9.66
N ASP F 30 44.10 36.07 -9.55
CA ASP F 30 44.92 36.55 -8.45
C ASP F 30 44.14 36.56 -7.14
N ILE F 31 42.85 36.89 -7.22
CA ILE F 31 41.97 36.87 -6.03
C ILE F 31 41.85 35.45 -5.49
N ILE F 32 41.58 34.49 -6.37
CA ILE F 32 41.42 33.09 -5.97
C ILE F 32 42.72 32.56 -5.35
N LYS F 33 43.83 32.78 -6.03
CA LYS F 33 45.14 32.34 -5.54
C LYS F 33 45.53 33.02 -4.22
N ALA F 34 45.12 34.27 -4.05
CA ALA F 34 45.37 35.02 -2.81
C ALA F 34 44.57 34.42 -1.64
N LEU F 35 43.27 34.22 -1.87
CA LEU F 35 42.37 33.73 -0.81
C LEU F 35 42.61 32.26 -0.42
N ALA F 36 43.27 31.50 -1.29
CA ALA F 36 43.57 30.10 -1.02
C ALA F 36 44.83 29.92 -0.18
N SER F 37 45.75 30.87 -0.27
CA SER F 37 47.05 30.80 0.41
C SER F 37 46.97 30.50 1.91
N PRO F 38 46.13 31.25 2.66
CA PRO F 38 46.03 30.99 4.10
C PRO F 38 45.40 29.61 4.41
N LEU F 39 44.52 29.14 3.52
CA LEU F 39 43.93 27.81 3.65
C LEU F 39 44.93 26.71 3.34
N ILE F 40 45.72 26.89 2.29
CA ILE F 40 46.73 25.90 1.88
C ILE F 40 47.84 25.78 2.94
N ASN F 41 48.27 26.92 3.47
CA ASN F 41 49.32 26.95 4.50
C ASN F 41 48.96 26.20 5.78
N ASP F 42 47.72 26.39 6.25
CA ASP F 42 47.24 25.73 7.46
C ASP F 42 46.93 24.23 7.25
N GLY F 43 46.92 23.80 6.00
CA GLY F 43 46.65 22.39 5.66
C GLY F 43 45.17 22.08 5.59
N MET F 44 44.36 23.09 5.29
CA MET F 44 42.91 22.92 5.20
C MET F 44 42.50 22.35 3.85
N VAL F 45 43.32 22.61 2.83
CA VAL F 45 43.05 22.16 1.47
C VAL F 45 44.34 21.65 0.82
N VAL F 46 44.20 20.98 -0.32
CA VAL F 46 45.36 20.47 -1.07
C VAL F 46 46.17 21.64 -1.64
N SER F 47 47.39 21.33 -2.10
CA SER F 47 48.32 22.36 -2.57
C SER F 47 47.84 23.01 -3.87
N ASP F 48 47.22 22.23 -4.75
CA ASP F 48 46.70 22.74 -6.03
C ASP F 48 45.21 23.12 -5.93
N PHE F 49 44.79 23.59 -4.75
CA PHE F 49 43.40 23.98 -4.52
C PHE F 49 42.99 25.16 -5.39
N ALA F 50 43.87 26.16 -5.49
CA ALA F 50 43.62 27.35 -6.30
C ALA F 50 43.29 27.01 -7.75
N ASP F 51 44.06 26.09 -8.34
CA ASP F 51 43.85 25.66 -9.73
C ASP F 51 42.44 25.15 -9.99
N HIS F 52 41.94 24.29 -9.10
CA HIS F 52 40.61 23.70 -9.25
C HIS F 52 39.49 24.71 -9.05
N VAL F 53 39.72 25.71 -8.21
CA VAL F 53 38.77 26.80 -8.01
C VAL F 53 38.72 27.69 -9.24
N ILE F 54 39.88 27.96 -9.84
CA ILE F 54 39.96 28.73 -11.09
C ILE F 54 39.31 27.97 -12.25
N THR F 55 39.56 26.67 -12.32
CA THR F 55 39.03 25.83 -13.40
C THR F 55 37.50 25.76 -13.36
N ARG F 56 36.96 25.58 -12.16
CA ARG F 56 35.52 25.49 -11.97
C ARG F 56 34.81 26.80 -12.23
N GLU F 57 35.42 27.90 -11.80
CA GLU F 57 34.84 29.23 -11.96
C GLU F 57 34.56 29.57 -13.42
N GLN F 58 35.42 29.10 -14.32
CA GLN F 58 35.25 29.30 -15.76
C GLN F 58 34.00 28.60 -16.29
N ASN F 59 33.81 27.35 -15.87
CA ASN F 59 32.68 26.54 -16.33
C ASN F 59 31.40 26.80 -15.54
N PHE F 60 31.52 26.88 -14.22
CA PHE F 60 30.38 27.11 -13.34
C PHE F 60 30.66 28.32 -12.43
N PRO F 61 30.31 29.53 -12.92
CA PRO F 61 30.57 30.78 -12.19
C PRO F 61 29.85 30.87 -10.84
N THR F 62 30.33 31.75 -9.98
CA THR F 62 29.78 31.93 -8.63
C THR F 62 29.45 33.39 -8.34
N GLY F 63 29.27 34.19 -9.39
CA GLY F 63 28.95 35.60 -9.24
C GLY F 63 27.49 35.81 -8.90
N LEU F 64 27.23 36.63 -7.88
CA LEU F 64 25.88 36.93 -7.43
C LEU F 64 25.63 38.45 -7.53
N PRO F 65 24.87 38.89 -8.54
CA PRO F 65 24.61 40.33 -8.69
C PRO F 65 23.60 40.84 -7.66
N VAL F 66 24.07 40.99 -6.43
CA VAL F 66 23.27 41.50 -5.33
C VAL F 66 23.57 42.98 -5.15
N GLU F 67 22.53 43.76 -4.86
CA GLU F 67 22.69 45.18 -4.56
C GLU F 67 22.85 45.38 -3.05
N PRO F 68 23.69 46.33 -2.63
CA PRO F 68 24.52 47.24 -3.43
C PRO F 68 25.88 46.66 -3.83
N VAL F 69 26.37 45.69 -3.06
CA VAL F 69 27.69 45.09 -3.29
C VAL F 69 27.56 43.70 -3.92
N GLY F 70 28.26 43.50 -5.02
CA GLY F 70 28.31 42.19 -5.68
C GLY F 70 29.13 41.22 -4.88
N VAL F 71 28.74 39.94 -4.92
CA VAL F 71 29.37 38.91 -4.11
C VAL F 71 29.76 37.69 -4.96
N ALA F 72 30.95 37.15 -4.69
CA ALA F 72 31.42 35.92 -5.33
C ALA F 72 31.56 34.82 -4.28
N ILE F 73 31.26 33.58 -4.69
CA ILE F 73 31.38 32.43 -3.80
C ILE F 73 32.18 31.33 -4.51
N PRO F 74 33.47 31.60 -4.81
CA PRO F 74 34.28 30.66 -5.55
C PRO F 74 34.65 29.43 -4.71
N HIS F 75 34.55 28.26 -5.31
CA HIS F 75 34.86 27.00 -4.62
C HIS F 75 35.19 25.92 -5.66
N THR F 76 35.44 24.71 -5.19
CA THR F 76 35.67 23.56 -6.07
C THR F 76 35.07 22.30 -5.46
N ASP F 77 35.36 21.15 -6.09
CA ASP F 77 34.87 19.86 -5.61
C ASP F 77 35.36 19.60 -4.19
N SER F 78 34.51 18.95 -3.39
CA SER F 78 34.78 18.70 -1.97
C SER F 78 35.92 17.71 -1.71
N LYS F 79 36.28 16.92 -2.72
CA LYS F 79 37.39 15.97 -2.61
C LYS F 79 38.75 16.68 -2.45
N TYR F 80 38.83 17.92 -2.91
CA TYR F 80 40.05 18.73 -2.80
C TYR F 80 40.20 19.42 -1.44
N VAL F 81 39.16 19.37 -0.62
CA VAL F 81 39.18 19.96 0.72
C VAL F 81 39.44 18.86 1.75
N ARG F 82 40.29 19.17 2.74
CA ARG F 82 40.70 18.22 3.75
C ARG F 82 39.91 18.43 5.03
N GLN F 83 39.88 19.66 5.53
CA GLN F 83 38.87 20.03 6.54
C GLN F 83 38.27 21.42 6.28
N ASN F 84 37.04 21.60 6.78
CA ASN F 84 36.20 22.72 6.42
C ASN F 84 36.77 24.07 6.79
N ALA F 85 36.54 25.07 5.94
CA ALA F 85 37.03 26.43 6.17
C ALA F 85 36.37 27.43 5.22
N ILE F 86 36.59 28.71 5.49
CA ILE F 86 36.09 29.80 4.65
C ILE F 86 37.09 30.96 4.68
N SER F 87 37.30 31.60 3.53
CA SER F 87 38.25 32.70 3.40
C SER F 87 37.59 33.92 2.75
N VAL F 88 37.59 35.04 3.46
CA VAL F 88 36.95 36.26 3.00
C VAL F 88 37.96 37.21 2.37
N GLY F 89 37.58 37.80 1.25
CA GLY F 89 38.42 38.78 0.55
C GLY F 89 37.64 40.01 0.19
N ILE F 90 38.19 41.18 0.51
CA ILE F 90 37.57 42.46 0.15
C ILE F 90 38.40 43.08 -0.97
N LEU F 91 37.73 43.68 -1.94
CA LEU F 91 38.38 44.27 -3.10
C LEU F 91 38.35 45.80 -3.03
N ALA F 92 39.45 46.42 -3.43
CA ALA F 92 39.58 47.88 -3.44
C ALA F 92 38.69 48.52 -4.50
N GLU F 93 38.61 47.88 -5.66
CA GLU F 93 37.74 48.29 -6.77
C GLU F 93 36.98 47.06 -7.24
N PRO F 94 35.80 47.26 -7.87
CA PRO F 94 35.01 46.11 -8.36
C PRO F 94 35.76 45.26 -9.39
N VAL F 95 35.63 43.94 -9.27
CA VAL F 95 36.20 42.98 -10.23
C VAL F 95 35.03 42.20 -10.86
N ASN F 96 35.10 41.98 -12.16
CA ASN F 96 34.01 41.34 -12.90
C ASN F 96 33.99 39.82 -12.78
N PHE F 97 32.85 39.29 -12.37
CA PHE F 97 32.61 37.84 -12.33
C PHE F 97 31.41 37.50 -13.19
N GLU F 98 31.41 36.30 -13.78
CA GLU F 98 30.28 35.82 -14.56
C GLU F 98 29.13 35.45 -13.62
N ASP F 99 27.90 35.70 -14.08
CA ASP F 99 26.71 35.45 -13.25
C ASP F 99 26.47 33.95 -13.07
N ALA F 100 26.15 33.55 -11.85
CA ALA F 100 25.90 32.15 -11.52
C ALA F 100 24.51 31.69 -11.99
N GLY F 101 23.62 32.64 -12.25
CA GLY F 101 22.29 32.35 -12.78
C GLY F 101 22.29 32.07 -14.28
N GLY F 102 23.34 32.51 -14.98
CA GLY F 102 23.50 32.26 -16.41
C GLY F 102 23.14 33.44 -17.31
N GLU F 103 23.13 34.64 -16.76
CA GLU F 103 22.86 35.85 -17.54
C GLU F 103 24.16 36.37 -18.16
N PRO F 104 24.07 37.05 -19.32
CA PRO F 104 25.25 37.57 -19.99
C PRO F 104 25.83 38.82 -19.32
N ASP F 105 25.04 39.48 -18.47
CA ASP F 105 25.49 40.69 -17.79
C ASP F 105 26.46 40.32 -16.68
N PRO F 106 27.55 41.09 -16.51
CA PRO F 106 28.55 40.72 -15.53
C PRO F 106 28.20 41.17 -14.12
N VAL F 107 28.85 40.58 -13.14
CA VAL F 107 28.64 40.92 -11.74
C VAL F 107 29.88 41.65 -11.21
N PRO F 108 29.72 42.93 -10.82
CA PRO F 108 30.84 43.66 -10.22
C PRO F 108 31.02 43.29 -8.76
N VAL F 109 31.89 42.32 -8.50
CA VAL F 109 32.07 41.75 -7.15
C VAL F 109 33.05 42.58 -6.34
N ARG F 110 32.75 42.74 -5.05
CA ARG F 110 33.64 43.42 -4.10
C ARG F 110 33.95 42.57 -2.87
N VAL F 111 33.05 41.65 -2.52
CA VAL F 111 33.24 40.73 -1.40
C VAL F 111 33.27 39.30 -1.93
N VAL F 112 34.32 38.56 -1.59
CA VAL F 112 34.50 37.18 -2.06
C VAL F 112 34.49 36.22 -0.88
N PHE F 113 33.58 35.25 -0.91
CA PHE F 113 33.49 34.20 0.10
C PHE F 113 33.97 32.87 -0.46
N MET F 114 35.29 32.65 -0.43
CA MET F 114 35.87 31.39 -0.88
C MET F 114 35.49 30.27 0.08
N LEU F 115 34.82 29.24 -0.44
CA LEU F 115 34.37 28.11 0.37
C LEU F 115 35.24 26.89 0.14
N ALA F 116 35.73 26.31 1.24
CA ALA F 116 36.43 25.04 1.21
C ALA F 116 35.62 24.06 2.06
N LEU F 117 34.65 23.42 1.43
CA LEU F 117 33.73 22.51 2.13
C LEU F 117 34.06 21.05 1.84
N GLY F 118 34.30 20.29 2.91
CA GLY F 118 34.67 18.88 2.81
C GLY F 118 33.48 17.96 2.64
N ASN F 119 32.39 18.26 3.35
CA ASN F 119 31.14 17.53 3.22
C ASN F 119 30.24 18.21 2.19
N TRP F 120 29.78 17.43 1.21
CA TRP F 120 28.90 17.95 0.17
C TRP F 120 27.50 18.24 0.71
N PHE F 121 27.09 17.49 1.72
CA PHE F 121 25.74 17.61 2.30
C PHE F 121 25.54 18.86 3.16
N ASP F 122 26.63 19.58 3.47
CA ASP F 122 26.56 20.82 4.24
C ASP F 122 26.82 22.05 3.39
N ILE F 123 26.93 21.87 2.07
CA ILE F 123 27.16 22.99 1.15
C ILE F 123 25.97 23.95 1.15
N THR F 124 24.76 23.38 1.10
CA THR F 124 23.53 24.17 1.08
C THR F 124 23.35 25.00 2.34
N ASN F 125 23.85 24.50 3.47
CA ASN F 125 23.81 25.24 4.73
C ASN F 125 24.68 26.50 4.69
N VAL F 126 25.88 26.36 4.14
CA VAL F 126 26.82 27.48 4.01
C VAL F 126 26.29 28.51 3.02
N LEU F 127 25.71 28.04 1.92
CA LEU F 127 25.08 28.91 0.93
C LEU F 127 23.93 29.72 1.55
N TRP F 128 23.04 29.02 2.25
CA TRP F 128 21.91 29.66 2.93
C TRP F 128 22.38 30.74 3.91
N TRP F 129 23.46 30.44 4.63
CA TRP F 129 24.06 31.39 5.57
C TRP F 129 24.56 32.64 4.85
N ILE F 130 25.25 32.44 3.72
CA ILE F 130 25.76 33.56 2.92
C ILE F 130 24.61 34.44 2.42
N MET F 131 23.57 33.80 1.88
CA MET F 131 22.40 34.52 1.37
C MET F 131 21.76 35.40 2.45
N ASP F 132 21.69 34.87 3.67
CA ASP F 132 21.17 35.62 4.81
C ASP F 132 22.10 36.77 5.19
N VAL F 133 23.41 36.53 5.11
CA VAL F 133 24.42 37.55 5.44
C VAL F 133 24.44 38.69 4.43
N ILE F 134 24.39 38.35 3.14
CA ILE F 134 24.43 39.36 2.08
C ILE F 134 23.08 40.07 1.88
N GLN F 135 22.03 39.55 2.52
CA GLN F 135 20.73 40.22 2.55
C GLN F 135 20.76 41.43 3.48
N ASP F 136 21.50 41.31 4.58
CA ASP F 136 21.68 42.42 5.51
C ASP F 136 22.49 43.54 4.82
N GLU F 137 21.77 44.52 4.27
CA GLU F 137 22.38 45.61 3.51
C GLU F 137 23.34 46.45 4.35
N ASP F 138 23.02 46.63 5.63
CA ASP F 138 23.86 47.41 6.53
C ASP F 138 25.23 46.74 6.77
N PHE F 139 25.20 45.45 7.09
CA PHE F 139 26.44 44.70 7.36
C PHE F 139 27.35 44.63 6.13
N MET F 140 26.76 44.40 4.97
CA MET F 140 27.52 44.34 3.71
C MET F 140 28.24 45.65 3.40
N GLN F 141 27.56 46.76 3.66
CA GLN F 141 28.13 48.08 3.43
C GLN F 141 29.27 48.38 4.41
N GLN F 142 29.20 47.78 5.60
CA GLN F 142 30.24 47.93 6.62
C GLN F 142 31.50 47.14 6.27
N LEU F 143 31.34 45.98 5.65
CA LEU F 143 32.48 45.15 5.23
C LEU F 143 33.42 45.90 4.28
N LEU F 144 32.87 46.85 3.53
CA LEU F 144 33.67 47.66 2.60
C LEU F 144 34.58 48.69 3.31
N VAL F 145 34.28 49.00 4.57
CA VAL F 145 35.05 50.01 5.33
C VAL F 145 35.81 49.46 6.53
N MET F 146 35.32 48.38 7.14
CA MET F 146 35.95 47.79 8.32
C MET F 146 37.32 47.18 7.98
N ASN F 147 38.22 47.18 8.97
CA ASN F 147 39.56 46.60 8.80
C ASN F 147 39.55 45.07 9.06
N ASP F 148 40.71 44.44 8.91
CA ASP F 148 40.81 42.97 8.98
C ASP F 148 40.26 42.36 10.26
N ASP F 149 40.60 42.95 11.40
CA ASP F 149 40.12 42.50 12.71
C ASP F 149 38.62 42.75 12.90
N GLU F 150 38.18 43.95 12.50
CA GLU F 150 36.76 44.32 12.59
C GLU F 150 35.88 43.40 11.74
N ILE F 151 36.41 42.98 10.58
CA ILE F 151 35.70 42.02 9.72
C ILE F 151 35.71 40.62 10.33
N TYR F 152 36.83 40.22 10.94
CA TYR F 152 36.92 38.91 11.60
C TYR F 152 35.90 38.80 12.73
N GLN F 153 35.91 39.77 13.63
CA GLN F 153 35.02 39.78 14.78
C GLN F 153 33.55 39.80 14.37
N SER F 154 33.25 40.61 13.35
CA SER F 154 31.89 40.71 12.81
C SER F 154 31.43 39.38 12.20
N ILE F 155 32.28 38.76 11.39
CA ILE F 155 31.95 37.51 10.71
C ILE F 155 31.94 36.32 11.70
N TYR F 156 32.89 36.30 12.63
CA TYR F 156 32.98 35.21 13.62
C TYR F 156 31.72 35.13 14.48
N THR F 157 31.17 36.29 14.85
CA THR F 157 29.92 36.37 15.59
C THR F 157 28.75 35.85 14.74
N ARG F 158 28.77 36.17 13.44
CA ARG F 158 27.71 35.75 12.52
C ARG F 158 27.69 34.23 12.31
N ILE F 159 28.85 33.59 12.43
CA ILE F 159 28.95 32.14 12.31
C ILE F 159 28.40 31.46 13.57
N SER F 160 28.59 32.11 14.72
CA SER F 160 28.07 31.60 15.99
C SER F 160 26.75 32.25 16.35
#